data_2XZL
#
_entry.id   2XZL
#
_cell.length_a   64.135
_cell.length_b   114.117
_cell.length_c   65.730
_cell.angle_alpha   90.00
_cell.angle_beta   110.24
_cell.angle_gamma   90.00
#
_symmetry.space_group_name_H-M   'P 1 21 1'
#
loop_
_entity.id
_entity.type
_entity.pdbx_description
1 polymer 'ATP-DEPENDENT HELICASE NAM7'
2 polymer '5- R(*UP*UP*UP*UP*UP*UP*UP*UP*U) -3'
3 non-polymer 'ZINC ION'
4 non-polymer "ADENOSINE-5'-DIPHOSPHATE"
5 non-polymer 'TETRAFLUOROALUMINATE ION'
6 non-polymer 'MAGNESIUM ION'
7 non-polymer 'PENTAETHYLENE GLYCOL'
8 water water
#
loop_
_entity_poly.entity_id
_entity_poly.type
_entity_poly.pdbx_seq_one_letter_code
_entity_poly.pdbx_strand_id
1 'polypeptide(L)'
;GAASMSPSASDNSCAYCGIDSAKCVIKCNSCKKWFCNTKNGTSSSHIVNHLVLSHHNVVSLHPDSDLGDTVLECYNCGRK
NVFLLGFVSAKSEAVVVLLCRIPCAQTKNANWDTDQWQPLIEDRQLLSWVAEQPTEEEKLKARLITPSQISKLEAKWRSN
KDATINDIDAPEEQEAIPPLLLRYQDAYEYQRSYGPLIKLEADYDKQLKESQALEHISVSWSLALNNRHLASFTLSTFES
NELKVAIGDEMILWYSGMQHPDWEGRGYIVRLPNSFQDTFTLELKPSKTPPPTHLTTGFTAEFIWKGTSYDRMQDALKKF
AIDKKSISGYLYYKILGHQVVDISFDVPLPKEFSIPNFAQLNSSQSNAVSHVLQRPLSLIQGPPGTGKTVTSATIVYHLS
KIHKDRILVCAPSNVAVDHLAAKLRDLGLKVVRLTAKSREDVESSVSNLALHNLVGRGAKGELKNLLKLKDEVGELSASD
TKRFVKLVRKTEAEILNKADVVCCTCVGAGDKRLDTKFRTVLIDESTQASEPECLIPIVKGAKQVILVGDHQQLGPVILE
RKAADAGLKQSLFERLISLGHVPIRLEVQYRMNPYLSEFPSNMFYEGSLQNGVTIEQRTVPNSKFPWPIRGIPMMFWANY
GREEISANGTSFLNRIEAMNCERIITKLFRDGVKPEQIGVITPYEGQRAYILQYMQMNGSLDKDLYIKVEVASVDAFQGR
EKDYIILSCVRANEQQAIGFLRDPRRLNVGLTRAKYGLVILGNPRSLARNTLWNHLLIHFREKGCLVEGTLDNLQLCTVQ
LV
;
A
2 'polyribonucleotide' UUUUUUUUU B
#
# COMPACT_ATOMS: atom_id res chain seq x y z
N ASN A 12 13.50 -0.67 37.30
CA ASN A 12 14.59 -0.38 36.38
C ASN A 12 15.08 -1.65 35.69
N SER A 13 14.27 -2.70 35.74
CA SER A 13 14.60 -3.96 35.10
C SER A 13 13.71 -4.20 33.89
N CYS A 14 14.25 -4.94 32.91
CA CYS A 14 13.53 -5.20 31.68
C CYS A 14 12.16 -5.79 31.96
N ALA A 15 11.13 -5.12 31.45
CA ALA A 15 9.75 -5.49 31.72
C ALA A 15 9.40 -6.85 31.13
N TYR A 16 10.23 -7.34 30.23
CA TYR A 16 10.03 -8.65 29.63
C TYR A 16 10.62 -9.76 30.50
N CYS A 17 11.94 -9.76 30.63
CA CYS A 17 12.66 -10.89 31.23
C CYS A 17 13.24 -10.61 32.62
N GLY A 18 13.50 -9.35 32.94
CA GLY A 18 13.95 -8.98 34.27
C GLY A 18 15.43 -8.66 34.40
N ILE A 19 16.13 -8.59 33.28
CA ILE A 19 17.54 -8.19 33.28
C ILE A 19 17.69 -6.81 33.91
N ASP A 20 18.71 -6.65 34.76
CA ASP A 20 18.79 -5.45 35.58
C ASP A 20 20.10 -4.66 35.44
N SER A 21 21.01 -5.12 34.57
CA SER A 21 22.29 -4.46 34.40
C SER A 21 22.15 -3.03 33.88
N ALA A 22 22.87 -2.10 34.50
CA ALA A 22 22.82 -0.70 34.13
C ALA A 22 23.33 -0.47 32.71
N LYS A 23 24.18 -1.38 32.23
CA LYS A 23 24.75 -1.25 30.90
C LYS A 23 23.91 -1.93 29.83
N CYS A 24 22.81 -2.57 30.25
CA CYS A 24 22.03 -3.38 29.34
C CYS A 24 20.61 -2.85 29.09
N VAL A 25 20.07 -2.11 30.05
CA VAL A 25 18.67 -1.69 29.96
C VAL A 25 18.48 -0.31 29.32
N ILE A 26 17.29 -0.12 28.76
CA ILE A 26 16.94 1.11 28.05
C ILE A 26 15.54 1.55 28.45
N LYS A 27 15.35 2.84 28.65
CA LYS A 27 14.04 3.35 29.02
C LYS A 27 13.25 3.86 27.82
N CYS A 28 12.03 3.36 27.66
CA CYS A 28 11.13 3.93 26.66
C CYS A 28 10.41 5.12 27.28
N ASN A 29 10.63 6.29 26.70
CA ASN A 29 10.12 7.53 27.28
C ASN A 29 8.60 7.66 27.27
N SER A 30 7.94 6.95 26.36
CA SER A 30 6.49 7.01 26.26
C SER A 30 5.78 6.38 27.46
N CYS A 31 6.02 5.09 27.67
CA CYS A 31 5.36 4.34 28.73
C CYS A 31 6.19 4.24 30.02
N LYS A 32 7.45 4.65 29.94
CA LYS A 32 8.32 4.71 31.11
C LYS A 32 8.81 3.33 31.59
N LYS A 33 8.59 2.31 30.77
CA LYS A 33 9.06 0.97 31.09
C LYS A 33 10.49 0.76 30.60
N TRP A 34 11.21 -0.14 31.25
CA TRP A 34 12.59 -0.43 30.86
C TRP A 34 12.68 -1.73 30.07
N PHE A 35 13.62 -1.80 29.15
CA PHE A 35 13.83 -2.99 28.34
C PHE A 35 15.30 -3.22 28.07
N CYS A 36 15.71 -4.49 28.07
CA CYS A 36 17.11 -4.82 27.80
C CYS A 36 17.34 -4.93 26.30
N ASN A 37 18.60 -5.09 25.90
CA ASN A 37 18.96 -5.12 24.50
C ASN A 37 19.38 -6.51 24.03
N THR A 38 18.74 -7.54 24.59
CA THR A 38 19.07 -8.92 24.27
C THR A 38 18.01 -9.56 23.40
N LYS A 39 18.45 -10.40 22.46
CA LYS A 39 17.53 -11.19 21.65
C LYS A 39 17.24 -12.50 22.38
N ASN A 40 16.06 -12.59 22.97
CA ASN A 40 15.70 -13.72 23.81
C ASN A 40 14.24 -14.10 23.64
N GLY A 41 13.98 -15.15 22.88
CA GLY A 41 12.62 -15.54 22.55
C GLY A 41 12.01 -14.49 21.63
N THR A 42 12.87 -13.75 20.97
CA THR A 42 12.45 -12.64 20.12
C THR A 42 13.48 -12.38 19.03
N SER A 43 13.02 -12.15 17.81
CA SER A 43 13.91 -11.94 16.68
C SER A 43 14.68 -10.63 16.80
N SER A 44 14.10 -9.66 17.49
CA SER A 44 14.77 -8.41 17.78
C SER A 44 15.16 -8.40 19.25
N SER A 45 16.02 -7.47 19.64
CA SER A 45 16.30 -7.27 21.04
C SER A 45 15.00 -6.84 21.71
N HIS A 46 14.92 -6.96 23.03
CA HIS A 46 13.67 -6.68 23.74
C HIS A 46 13.22 -5.23 23.62
N ILE A 47 14.16 -4.29 23.64
CA ILE A 47 13.82 -2.89 23.49
C ILE A 47 13.27 -2.61 22.09
N VAL A 48 13.94 -3.11 21.07
CA VAL A 48 13.50 -2.95 19.70
C VAL A 48 12.13 -3.60 19.49
N ASN A 49 11.96 -4.79 20.06
CA ASN A 49 10.69 -5.51 19.94
C ASN A 49 9.52 -4.71 20.49
N HIS A 50 9.76 -4.01 21.60
CA HIS A 50 8.73 -3.20 22.22
C HIS A 50 8.39 -1.98 21.38
N LEU A 51 9.42 -1.32 20.84
CA LEU A 51 9.22 -0.12 20.05
C LEU A 51 8.43 -0.45 18.78
N VAL A 52 8.77 -1.57 18.16
CA VAL A 52 8.13 -2.00 16.92
C VAL A 52 6.65 -2.28 17.13
N LEU A 53 6.32 -2.96 18.23
CA LEU A 53 4.95 -3.36 18.51
C LEU A 53 4.09 -2.23 19.09
N SER A 54 4.69 -1.38 19.90
CA SER A 54 3.95 -0.33 20.59
C SER A 54 3.92 0.98 19.80
N HIS A 55 4.76 1.07 18.78
CA HIS A 55 4.85 2.25 17.93
C HIS A 55 5.54 3.42 18.63
N HIS A 56 6.31 3.11 19.67
CA HIS A 56 7.03 4.13 20.43
C HIS A 56 8.43 4.33 19.83
N ASN A 57 9.00 5.50 20.04
CA ASN A 57 10.17 5.93 19.29
C ASN A 57 11.35 6.36 20.13
N VAL A 58 11.06 6.98 21.28
CA VAL A 58 12.06 7.68 22.06
C VAL A 58 12.58 6.85 23.22
N VAL A 59 13.90 6.79 23.37
CA VAL A 59 14.51 6.05 24.46
C VAL A 59 15.63 6.83 25.13
N SER A 60 15.87 6.51 26.39
CA SER A 60 16.94 7.14 27.16
C SER A 60 17.75 6.06 27.86
N LEU A 61 19.04 6.30 28.04
CA LEU A 61 19.93 5.31 28.64
C LEU A 61 19.87 5.36 30.16
N HIS A 62 20.47 4.37 30.80
CA HIS A 62 20.48 4.29 32.26
C HIS A 62 21.46 5.31 32.84
N PRO A 63 21.13 5.88 34.00
CA PRO A 63 22.01 6.86 34.67
C PRO A 63 23.40 6.30 34.94
N ASP A 64 23.46 5.03 35.35
CA ASP A 64 24.74 4.41 35.68
C ASP A 64 25.44 3.84 34.44
N SER A 65 24.78 3.96 33.29
CA SER A 65 25.35 3.45 32.05
C SER A 65 26.64 4.20 31.73
N ASP A 66 27.35 3.73 30.70
CA ASP A 66 28.61 4.33 30.31
C ASP A 66 28.40 5.68 29.63
N LEU A 67 27.15 6.02 29.35
CA LEU A 67 26.82 7.26 28.67
C LEU A 67 25.85 8.14 29.47
N GLY A 68 25.41 7.63 30.62
CA GLY A 68 24.54 8.39 31.51
C GLY A 68 23.13 8.56 31.00
N ASP A 69 22.28 9.14 31.83
CA ASP A 69 20.89 9.40 31.48
C ASP A 69 20.80 10.36 30.29
N THR A 70 20.77 9.81 29.09
CA THR A 70 20.73 10.62 27.88
C THR A 70 19.60 10.17 26.95
N VAL A 71 18.76 11.12 26.55
CA VAL A 71 17.77 10.86 25.51
C VAL A 71 18.47 10.96 24.16
N LEU A 72 18.41 9.89 23.38
CA LEU A 72 19.07 9.86 22.08
C LEU A 72 18.35 10.78 21.10
N GLU A 73 19.08 11.71 20.51
CA GLU A 73 18.49 12.64 19.56
C GLU A 73 19.51 13.19 18.57
N CYS A 74 19.02 13.73 17.47
CA CYS A 74 19.88 14.25 16.42
C CYS A 74 20.51 15.58 16.83
N TYR A 75 21.81 15.71 16.61
CA TYR A 75 22.53 16.93 16.95
C TYR A 75 21.96 18.10 16.17
N ASN A 76 21.68 17.87 14.89
CA ASN A 76 21.20 18.92 14.00
C ASN A 76 19.80 19.39 14.35
N CYS A 77 18.79 18.65 13.89
CA CYS A 77 17.41 19.08 14.03
C CYS A 77 16.81 18.72 15.39
N GLY A 78 17.32 17.64 15.99
CA GLY A 78 16.90 17.26 17.32
C GLY A 78 15.72 16.31 17.40
N ARG A 79 15.52 15.53 16.35
CA ARG A 79 14.47 14.51 16.34
C ARG A 79 14.89 13.34 17.24
N LYS A 80 13.92 12.60 17.75
CA LYS A 80 14.22 11.59 18.77
C LYS A 80 13.71 10.18 18.44
N ASN A 81 13.48 9.91 17.17
CA ASN A 81 13.10 8.58 16.73
C ASN A 81 14.33 7.73 16.47
N VAL A 82 14.52 6.70 17.29
CA VAL A 82 15.72 5.87 17.19
C VAL A 82 15.87 5.16 15.85
N PHE A 83 14.75 4.87 15.20
CA PHE A 83 14.77 4.19 13.92
C PHE A 83 15.37 5.07 12.83
N LEU A 84 15.44 6.36 13.09
CA LEU A 84 16.04 7.32 12.17
C LEU A 84 17.50 7.57 12.50
N LEU A 85 17.84 7.44 13.77
CA LEU A 85 19.15 7.86 14.28
C LEU A 85 20.32 6.96 13.85
N GLY A 86 21.44 7.61 13.58
CA GLY A 86 22.70 6.93 13.31
C GLY A 86 23.82 7.83 13.81
N PHE A 87 25.07 7.45 13.59
CA PHE A 87 26.17 8.27 14.10
C PHE A 87 27.29 8.47 13.09
N VAL A 88 27.88 9.65 13.12
CA VAL A 88 29.07 9.96 12.34
C VAL A 88 30.19 10.30 13.30
N SER A 89 31.37 9.74 13.07
CA SER A 89 32.48 9.91 13.99
C SER A 89 33.62 10.67 13.33
N VAL A 96 31.77 11.29 18.36
CA VAL A 96 30.57 10.78 17.70
C VAL A 96 29.47 11.83 17.68
N VAL A 97 28.63 11.78 16.66
CA VAL A 97 27.52 12.73 16.51
C VAL A 97 26.27 12.04 15.95
N LEU A 98 25.17 12.13 16.68
CA LEU A 98 23.94 11.46 16.26
C LEU A 98 23.18 12.28 15.23
N LEU A 99 22.81 11.65 14.12
CA LEU A 99 22.12 12.35 13.04
C LEU A 99 21.01 11.52 12.41
N CYS A 100 19.90 12.17 12.06
CA CYS A 100 18.82 11.50 11.35
C CYS A 100 19.37 10.88 10.08
N ARG A 101 18.75 9.78 9.64
CA ARG A 101 19.13 9.16 8.38
C ARG A 101 18.98 10.19 7.28
N ILE A 102 17.80 10.79 7.21
CA ILE A 102 17.54 11.90 6.29
C ILE A 102 16.65 12.93 6.98
N PRO A 103 16.86 14.22 6.68
CA PRO A 103 17.83 14.74 5.71
C PRO A 103 19.22 14.97 6.27
N CYS A 104 19.34 15.03 7.59
CA CYS A 104 20.57 15.46 8.25
C CYS A 104 21.84 14.72 7.81
N ALA A 105 21.71 13.44 7.49
CA ALA A 105 22.88 12.62 7.18
C ALA A 105 23.29 12.70 5.71
N GLN A 106 22.48 13.35 4.90
CA GLN A 106 22.83 13.57 3.50
C GLN A 106 23.49 14.93 3.34
N THR A 107 23.01 15.90 4.12
CA THR A 107 23.57 17.24 4.12
C THR A 107 25.05 17.20 4.49
N LYS A 108 25.83 18.05 3.86
CA LYS A 108 27.29 18.05 4.06
C LYS A 108 27.72 19.09 5.09
N TRP A 112 29.61 15.44 10.38
CA TRP A 112 30.78 15.91 9.63
C TRP A 112 30.97 15.12 8.34
N ASP A 113 31.43 13.88 8.47
CA ASP A 113 31.66 13.01 7.33
C ASP A 113 30.44 12.13 7.08
N THR A 114 29.53 12.62 6.22
CA THR A 114 28.26 11.94 5.97
C THR A 114 28.41 10.53 5.43
N ASP A 115 29.43 10.30 4.61
CA ASP A 115 29.56 9.04 3.88
C ASP A 115 29.76 7.82 4.78
N GLN A 116 30.03 8.05 6.06
CA GLN A 116 30.31 6.96 6.98
C GLN A 116 29.23 6.77 8.04
N TRP A 117 28.08 7.41 7.81
CA TRP A 117 26.94 7.28 8.71
C TRP A 117 26.54 5.81 8.90
N GLN A 118 26.30 5.43 10.14
CA GLN A 118 25.81 4.09 10.45
C GLN A 118 24.70 4.17 11.49
N PRO A 119 23.63 3.38 11.32
CA PRO A 119 22.44 3.46 12.18
C PRO A 119 22.67 2.93 13.59
N LEU A 120 21.91 3.44 14.55
CA LEU A 120 22.02 2.99 15.93
C LEU A 120 21.44 1.59 16.09
N ILE A 121 20.45 1.27 15.28
CA ILE A 121 19.87 -0.06 15.28
C ILE A 121 20.48 -0.91 14.15
N GLU A 122 21.23 -1.93 14.55
CA GLU A 122 21.89 -2.83 13.60
C GLU A 122 21.51 -4.27 13.87
N ASP A 123 20.94 -4.93 12.87
CA ASP A 123 20.49 -6.30 13.01
C ASP A 123 19.45 -6.40 14.12
N ARG A 124 18.52 -5.46 14.13
CA ARG A 124 17.38 -5.50 15.05
C ARG A 124 17.77 -5.42 16.52
N GLN A 125 18.89 -4.76 16.81
CA GLN A 125 19.28 -4.46 18.18
C GLN A 125 20.22 -3.26 18.24
N LEU A 126 20.14 -2.50 19.32
CA LEU A 126 20.98 -1.33 19.48
C LEU A 126 22.45 -1.68 19.48
N LEU A 127 23.29 -0.74 19.07
CA LEU A 127 24.73 -0.96 19.04
C LEU A 127 25.26 -1.23 20.44
N SER A 128 26.30 -2.06 20.54
CA SER A 128 26.85 -2.44 21.84
C SER A 128 27.27 -1.24 22.69
N TRP A 129 27.78 -0.19 22.06
CA TRP A 129 28.22 0.97 22.83
C TRP A 129 27.06 1.85 23.30
N VAL A 130 25.86 1.52 22.86
CA VAL A 130 24.66 2.20 23.33
C VAL A 130 23.98 1.35 24.40
N ALA A 131 24.05 0.03 24.22
CA ALA A 131 23.49 -0.92 25.17
C ALA A 131 24.19 -2.27 25.00
N GLU A 132 24.93 -2.67 26.04
CA GLU A 132 25.70 -3.91 25.99
C GLU A 132 24.84 -5.16 26.10
N GLN A 133 25.44 -6.30 25.76
CA GLN A 133 24.85 -7.58 26.07
C GLN A 133 25.21 -7.92 27.50
N PRO A 134 24.39 -8.73 28.16
CA PRO A 134 24.64 -9.08 29.57
C PRO A 134 25.72 -10.14 29.70
N THR A 135 26.53 -10.04 30.73
CA THR A 135 27.46 -11.12 31.07
C THR A 135 26.62 -12.34 31.41
N GLU A 136 27.25 -13.50 31.47
CA GLU A 136 26.54 -14.71 31.86
C GLU A 136 25.94 -14.56 33.25
N GLU A 137 26.66 -13.86 34.12
CA GLU A 137 26.19 -13.62 35.48
C GLU A 137 24.96 -12.73 35.48
N GLU A 138 24.98 -11.70 34.66
CA GLU A 138 23.87 -10.77 34.57
C GLU A 138 22.65 -11.45 33.95
N LYS A 139 22.91 -12.44 33.10
CA LYS A 139 21.85 -13.16 32.41
C LYS A 139 21.03 -14.02 33.37
N LEU A 140 21.55 -14.21 34.57
CA LEU A 140 20.85 -15.00 35.58
C LEU A 140 19.56 -14.31 36.04
N LYS A 141 19.56 -12.99 35.97
CA LYS A 141 18.39 -12.21 36.37
C LYS A 141 17.25 -12.42 35.36
N ALA A 142 17.60 -12.87 34.17
CA ALA A 142 16.62 -13.09 33.12
C ALA A 142 15.79 -14.36 33.38
N ARG A 143 14.50 -14.17 33.61
CA ARG A 143 13.59 -15.31 33.79
C ARG A 143 13.32 -15.96 32.45
N LEU A 144 13.11 -17.28 32.46
CA LEU A 144 12.74 -18.00 31.25
C LEU A 144 11.45 -17.41 30.70
N ILE A 145 11.47 -16.98 29.45
CA ILE A 145 10.28 -16.39 28.85
C ILE A 145 10.12 -16.81 27.40
N THR A 146 8.91 -17.24 27.05
CA THR A 146 8.60 -17.70 25.70
C THR A 146 8.16 -16.52 24.85
N PRO A 147 8.23 -16.69 23.51
CA PRO A 147 7.71 -15.68 22.59
C PRO A 147 6.24 -15.39 22.84
N SER A 148 5.48 -16.44 23.13
CA SER A 148 4.06 -16.33 23.41
C SER A 148 3.81 -15.36 24.57
N GLN A 149 4.49 -15.62 25.68
CA GLN A 149 4.37 -14.79 26.88
C GLN A 149 4.65 -13.32 26.59
N ILE A 150 5.69 -13.07 25.82
CA ILE A 150 6.07 -11.71 25.45
C ILE A 150 4.99 -11.05 24.58
N SER A 151 4.43 -11.84 23.66
CA SER A 151 3.45 -11.31 22.72
C SER A 151 2.16 -10.90 23.41
N LYS A 152 1.69 -11.75 24.32
CA LYS A 152 0.45 -11.48 25.04
C LYS A 152 0.62 -10.34 26.04
N LEU A 153 1.87 -10.14 26.47
CA LEU A 153 2.18 -9.11 27.45
C LEU A 153 2.05 -7.72 26.82
N GLU A 154 2.48 -7.60 25.57
CA GLU A 154 2.31 -6.37 24.82
C GLU A 154 0.85 -6.09 24.55
N ALA A 155 0.09 -7.14 24.24
CA ALA A 155 -1.33 -7.00 23.98
C ALA A 155 -2.06 -6.51 25.22
N LYS A 156 -1.60 -6.96 26.37
CA LYS A 156 -2.24 -6.62 27.65
C LYS A 156 -2.04 -5.16 28.00
N TRP A 157 -0.85 -4.64 27.67
CA TRP A 157 -0.53 -3.26 27.96
C TRP A 157 -1.30 -2.30 27.05
N ARG A 158 -1.93 -2.85 26.01
CA ARG A 158 -2.78 -2.03 25.16
C ARG A 158 -3.86 -1.40 26.00
N SER A 159 -4.32 -2.12 27.01
CA SER A 159 -5.38 -1.64 27.89
C SER A 159 -4.83 -1.32 29.29
N ASN A 160 -4.22 -2.32 29.92
CA ASN A 160 -3.76 -2.18 31.30
C ASN A 160 -2.27 -2.49 31.48
N LYS A 161 -1.60 -1.62 32.23
CA LYS A 161 -0.19 -1.82 32.55
C LYS A 161 -0.06 -2.87 33.65
N ASP A 162 0.14 -4.11 33.24
CA ASP A 162 0.17 -5.23 34.19
C ASP A 162 1.44 -6.04 34.07
N ALA A 163 1.43 -7.24 34.66
CA ALA A 163 2.60 -8.09 34.69
C ALA A 163 2.40 -9.39 33.91
N THR A 164 3.37 -10.30 34.03
CA THR A 164 3.30 -11.58 33.35
C THR A 164 2.26 -12.48 33.98
N ILE A 177 -16.83 -20.98 14.75
CA ILE A 177 -17.24 -20.38 13.50
C ILE A 177 -17.37 -21.44 12.41
N PRO A 178 -18.54 -21.46 11.73
CA PRO A 178 -18.80 -22.38 10.61
C PRO A 178 -17.85 -22.12 9.46
N PRO A 179 -17.20 -23.18 8.97
CA PRO A 179 -16.15 -23.09 7.95
C PRO A 179 -16.71 -22.60 6.62
N LEU A 180 -15.84 -22.07 5.76
CA LEU A 180 -16.24 -21.72 4.42
C LEU A 180 -16.69 -22.99 3.70
N LEU A 181 -17.80 -22.90 2.98
CA LEU A 181 -18.38 -24.05 2.32
C LEU A 181 -18.14 -24.01 0.82
N LEU A 182 -18.39 -25.12 0.15
CA LEU A 182 -18.37 -25.15 -1.31
C LEU A 182 -19.71 -24.62 -1.80
N ARG A 183 -20.76 -24.90 -1.05
CA ARG A 183 -22.11 -24.54 -1.43
C ARG A 183 -22.88 -23.99 -0.24
N TYR A 184 -23.56 -22.87 -0.45
CA TYR A 184 -24.31 -22.22 0.64
C TYR A 184 -25.81 -22.31 0.43
N GLN A 185 -26.51 -22.73 1.48
CA GLN A 185 -27.97 -22.88 1.42
C GLN A 185 -28.66 -21.55 1.14
N ASP A 186 -28.10 -20.47 1.65
CA ASP A 186 -28.66 -19.14 1.45
C ASP A 186 -27.70 -18.04 1.87
N ALA A 187 -28.07 -16.79 1.59
CA ALA A 187 -27.21 -15.64 1.85
C ALA A 187 -26.89 -15.45 3.33
N TYR A 188 -27.81 -15.86 4.20
CA TYR A 188 -27.60 -15.72 5.63
C TYR A 188 -26.50 -16.64 6.14
N GLU A 189 -26.41 -17.83 5.55
CA GLU A 189 -25.33 -18.76 5.89
C GLU A 189 -24.02 -18.24 5.33
N TYR A 190 -24.10 -17.64 4.15
CA TYR A 190 -22.95 -17.01 3.52
C TYR A 190 -22.39 -15.94 4.44
N GLN A 191 -23.27 -15.12 4.99
CA GLN A 191 -22.89 -14.01 5.85
C GLN A 191 -22.26 -14.49 7.16
N ARG A 192 -22.85 -15.52 7.75
CA ARG A 192 -22.38 -16.04 9.03
C ARG A 192 -21.05 -16.76 8.87
N SER A 193 -20.66 -16.98 7.62
CA SER A 193 -19.40 -17.64 7.31
C SER A 193 -18.26 -16.63 7.19
N TYR A 194 -18.45 -15.64 6.33
CA TYR A 194 -17.43 -14.62 6.08
C TYR A 194 -17.40 -13.56 7.18
N GLY A 195 -18.54 -13.34 7.82
CA GLY A 195 -18.66 -12.31 8.84
C GLY A 195 -17.61 -12.35 9.93
N PRO A 196 -17.56 -13.45 10.69
CA PRO A 196 -16.60 -13.59 11.79
C PRO A 196 -15.15 -13.51 11.31
N LEU A 197 -14.90 -13.89 10.06
CA LEU A 197 -13.57 -13.78 9.51
C LEU A 197 -13.19 -12.31 9.34
N ILE A 198 -14.14 -11.52 8.86
CA ILE A 198 -13.93 -10.09 8.71
C ILE A 198 -13.59 -9.46 10.06
N LYS A 199 -14.35 -9.83 11.09
CA LYS A 199 -14.14 -9.26 12.42
C LYS A 199 -12.74 -9.59 12.96
N LEU A 200 -12.31 -10.84 12.77
CA LEU A 200 -10.97 -11.24 13.18
C LEU A 200 -9.92 -10.31 12.60
N GLU A 201 -9.95 -10.15 11.27
CA GLU A 201 -9.04 -9.25 10.58
C GLU A 201 -9.15 -7.85 11.15
N ALA A 202 -10.37 -7.35 11.27
CA ALA A 202 -10.63 -6.00 11.78
C ALA A 202 -9.99 -5.78 13.15
N ASP A 203 -10.29 -6.68 14.08
CA ASP A 203 -9.74 -6.61 15.43
C ASP A 203 -8.21 -6.61 15.41
N TYR A 204 -7.63 -7.45 14.57
CA TYR A 204 -6.18 -7.57 14.49
C TYR A 204 -5.55 -6.34 13.86
N ASP A 205 -6.21 -5.80 12.84
CA ASP A 205 -5.74 -4.58 12.19
C ASP A 205 -5.72 -3.43 13.19
N LYS A 206 -6.82 -3.28 13.92
CA LYS A 206 -6.94 -2.25 14.94
C LYS A 206 -5.85 -2.36 16.00
N GLN A 207 -5.66 -3.57 16.52
CA GLN A 207 -4.62 -3.82 17.52
C GLN A 207 -3.23 -3.62 16.95
N LEU A 208 -3.09 -3.77 15.64
CA LEU A 208 -1.79 -3.71 14.98
C LEU A 208 -1.40 -2.30 14.51
N LYS A 209 -2.39 -1.55 14.04
CA LYS A 209 -2.11 -0.27 13.39
C LYS A 209 -2.67 0.94 14.12
N GLU A 210 -3.10 0.75 15.36
CA GLU A 210 -3.56 1.86 16.17
C GLU A 210 -2.37 2.77 16.48
N SER A 211 -2.63 4.02 16.83
CA SER A 211 -1.55 4.97 17.07
C SER A 211 -1.39 5.36 18.53
N GLN A 212 -0.71 6.47 18.77
CA GLN A 212 -0.44 6.94 20.12
C GLN A 212 -0.55 8.47 20.19
N GLU A 215 1.47 12.64 23.49
CA GLU A 215 2.76 12.98 24.08
C GLU A 215 2.61 14.11 25.09
N HIS A 216 3.44 15.15 24.95
CA HIS A 216 3.36 16.33 25.78
C HIS A 216 3.07 17.55 24.92
N ILE A 217 1.80 17.69 24.52
CA ILE A 217 1.41 18.66 23.52
C ILE A 217 0.99 20.01 24.09
N SER A 218 1.54 21.08 23.52
CA SER A 218 1.11 22.43 23.85
C SER A 218 0.07 22.91 22.84
N VAL A 219 -1.06 23.38 23.36
CA VAL A 219 -2.18 23.78 22.50
C VAL A 219 -2.45 25.26 22.57
N SER A 220 -2.59 25.88 21.41
CA SER A 220 -3.08 27.26 21.34
C SER A 220 -4.52 27.22 20.86
N TRP A 221 -5.39 27.94 21.56
CA TRP A 221 -6.81 27.92 21.25
C TRP A 221 -7.27 29.13 20.45
N SER A 222 -8.28 28.93 19.63
CA SER A 222 -8.90 30.00 18.86
C SER A 222 -10.32 29.60 18.50
N LEU A 223 -11.04 30.51 17.84
CA LEU A 223 -12.41 30.24 17.43
C LEU A 223 -12.53 30.23 15.91
N ALA A 224 -13.12 29.17 15.37
CA ALA A 224 -13.34 29.07 13.94
C ALA A 224 -14.55 29.92 13.57
N LEU A 225 -14.60 30.35 12.32
CA LEU A 225 -15.69 31.19 11.84
C LEU A 225 -17.05 30.56 12.14
N ASN A 226 -17.14 29.24 11.95
CA ASN A 226 -18.38 28.51 12.22
C ASN A 226 -18.66 28.41 13.73
N ASN A 227 -17.82 29.06 14.52
CA ASN A 227 -17.98 29.13 15.97
C ASN A 227 -17.67 27.82 16.69
N ARG A 228 -16.74 27.05 16.14
CA ARG A 228 -16.24 25.86 16.83
C ARG A 228 -14.83 26.10 17.35
N HIS A 229 -14.47 25.39 18.40
CA HIS A 229 -13.16 25.57 19.02
C HIS A 229 -12.04 24.95 18.19
N LEU A 230 -10.93 25.67 18.07
CA LEU A 230 -9.78 25.19 17.32
C LEU A 230 -8.59 24.92 18.23
N ALA A 231 -8.01 23.73 18.12
CA ALA A 231 -6.80 23.41 18.85
C ALA A 231 -5.64 23.24 17.87
N SER A 232 -4.58 24.02 18.08
CA SER A 232 -3.41 23.97 17.21
C SER A 232 -2.19 23.52 18.00
N PHE A 233 -1.32 22.71 17.40
CA PHE A 233 -0.21 22.14 18.16
C PHE A 233 0.88 21.48 17.33
N THR A 234 2.01 21.22 17.99
CA THR A 234 3.11 20.47 17.39
C THR A 234 3.45 20.97 15.99
N LYS A 244 1.05 10.30 7.24
CA LYS A 244 -0.02 9.44 7.72
C LYS A 244 -1.19 10.26 8.25
N VAL A 245 -1.38 11.45 7.68
CA VAL A 245 -2.45 12.34 8.11
C VAL A 245 -3.08 13.05 6.93
N ALA A 246 -4.37 13.37 7.06
CA ALA A 246 -5.11 14.08 6.03
C ALA A 246 -6.23 14.89 6.67
N ILE A 247 -6.59 16.01 6.05
CA ILE A 247 -7.64 16.86 6.61
C ILE A 247 -8.98 16.13 6.61
N GLY A 248 -9.64 16.16 7.77
CA GLY A 248 -10.90 15.45 7.94
C GLY A 248 -10.77 14.32 8.95
N ASP A 249 -9.55 13.82 9.09
CA ASP A 249 -9.25 12.73 10.02
C ASP A 249 -9.72 13.05 11.43
N GLU A 250 -10.43 12.10 12.03
CA GLU A 250 -10.92 12.26 13.38
C GLU A 250 -9.82 12.02 14.41
N MET A 251 -9.76 12.90 15.41
CA MET A 251 -8.80 12.77 16.48
C MET A 251 -9.47 12.95 17.84
N ILE A 252 -8.82 12.47 18.89
CA ILE A 252 -9.26 12.75 20.24
C ILE A 252 -8.18 13.47 21.02
N LEU A 253 -8.56 14.58 21.64
CA LEU A 253 -7.65 15.39 22.44
C LEU A 253 -8.09 15.26 23.88
N TRP A 254 -7.16 14.99 24.79
CA TRP A 254 -7.53 14.86 26.20
C TRP A 254 -6.45 15.35 27.15
N TYR A 255 -6.87 15.70 28.37
CA TYR A 255 -5.95 16.14 29.40
C TYR A 255 -6.16 15.37 30.70
N SER A 256 -5.05 14.95 31.29
CA SER A 256 -5.06 14.40 32.64
C SER A 256 -3.80 14.92 33.33
N GLY A 257 -3.98 15.55 34.48
CA GLY A 257 -2.86 16.13 35.20
C GLY A 257 -3.30 16.97 36.38
N MET A 258 -2.40 17.82 36.87
CA MET A 258 -2.65 18.58 38.10
C MET A 258 -3.15 20.00 37.87
N GLN A 259 -3.44 20.35 36.62
CA GLN A 259 -3.92 21.69 36.32
C GLN A 259 -5.44 21.74 36.20
N HIS A 260 -6.04 20.58 35.96
CA HIS A 260 -7.45 20.52 35.61
C HIS A 260 -7.98 19.10 35.71
N PRO A 261 -9.28 18.94 36.02
CA PRO A 261 -9.89 17.61 36.03
C PRO A 261 -9.79 16.95 34.66
N ASP A 262 -9.93 15.62 34.61
CA ASP A 262 -9.89 14.91 33.34
C ASP A 262 -10.83 15.54 32.32
N TRP A 263 -10.38 15.61 31.07
CA TRP A 263 -11.20 16.14 29.99
C TRP A 263 -10.85 15.47 28.66
N GLU A 264 -11.88 15.17 27.88
CA GLU A 264 -11.69 14.57 26.57
C GLU A 264 -12.46 15.36 25.52
N GLY A 265 -11.98 15.30 24.28
CA GLY A 265 -12.62 16.02 23.19
C GLY A 265 -12.30 15.42 21.85
N ARG A 266 -13.32 15.30 21.00
CA ARG A 266 -13.14 14.75 19.67
C ARG A 266 -13.33 15.83 18.61
N GLY A 267 -12.62 15.68 17.50
CA GLY A 267 -12.69 16.66 16.42
C GLY A 267 -12.05 16.17 15.15
N TYR A 268 -11.94 17.05 14.17
CA TYR A 268 -11.40 16.69 12.87
C TYR A 268 -10.26 17.61 12.48
N ILE A 269 -9.31 17.09 11.70
CA ILE A 269 -8.19 17.89 11.24
C ILE A 269 -8.63 18.88 10.17
N VAL A 270 -8.28 20.14 10.36
CA VAL A 270 -8.69 21.20 9.44
C VAL A 270 -7.47 21.89 8.83
N ARG A 271 -6.30 21.61 9.39
CA ARG A 271 -5.05 22.14 8.86
C ARG A 271 -3.89 21.20 9.20
N LEU A 272 -2.98 21.02 8.24
CA LEU A 272 -1.83 20.13 8.44
C LEU A 272 -0.51 20.88 8.26
N PRO A 273 0.54 20.38 8.93
CA PRO A 273 1.89 20.97 8.89
C PRO A 273 2.36 21.26 7.47
N ASN A 274 2.86 22.47 7.26
CA ASN A 274 3.37 22.88 5.95
C ASN A 274 4.63 22.11 5.57
N ASP A 278 3.79 24.46 10.09
CA ASP A 278 4.31 23.47 11.01
C ASP A 278 3.26 23.08 12.04
N THR A 279 2.15 23.80 12.05
CA THR A 279 1.10 23.58 13.03
C THR A 279 -0.01 22.68 12.51
N PHE A 280 -0.52 21.83 13.39
CA PHE A 280 -1.73 21.08 13.10
C PHE A 280 -2.90 21.78 13.75
N THR A 281 -4.07 21.73 13.13
CA THR A 281 -5.25 22.36 13.71
C THR A 281 -6.44 21.41 13.73
N LEU A 282 -6.94 21.16 14.94
CA LEU A 282 -8.05 20.26 15.15
C LEU A 282 -9.31 21.05 15.51
N GLU A 283 -10.35 20.91 14.72
CA GLU A 283 -11.63 21.56 15.00
C GLU A 283 -12.52 20.63 15.83
N LEU A 284 -12.80 21.04 17.07
CA LEU A 284 -13.53 20.18 18.00
C LEU A 284 -15.04 20.15 17.76
N LYS A 285 -15.63 18.97 17.95
CA LYS A 285 -17.07 18.83 17.88
C LYS A 285 -17.72 19.61 19.02
N PRO A 286 -18.95 20.09 18.80
CA PRO A 286 -19.72 20.70 19.88
C PRO A 286 -19.90 19.71 21.03
N SER A 287 -19.74 20.18 22.27
CA SER A 287 -19.84 19.31 23.43
C SER A 287 -20.66 19.96 24.54
N LYS A 288 -21.15 19.13 25.47
CA LYS A 288 -21.87 19.62 26.64
C LYS A 288 -20.89 20.27 27.60
N THR A 289 -19.71 19.66 27.72
CA THR A 289 -18.65 20.19 28.56
C THR A 289 -17.73 21.07 27.73
N PRO A 290 -17.48 22.30 28.20
CA PRO A 290 -16.63 23.27 27.50
C PRO A 290 -15.17 22.84 27.50
N PRO A 291 -14.42 23.23 26.46
CA PRO A 291 -12.99 22.93 26.38
C PRO A 291 -12.17 23.83 27.30
N PRO A 292 -11.13 23.26 27.93
CA PRO A 292 -10.24 23.98 28.85
C PRO A 292 -9.30 24.90 28.10
N THR A 293 -9.85 25.95 27.50
CA THR A 293 -9.07 26.86 26.66
C THR A 293 -8.01 27.65 27.42
N HIS A 294 -7.99 27.53 28.74
CA HIS A 294 -7.00 28.23 29.55
C HIS A 294 -5.73 27.39 29.76
N LEU A 295 -5.83 26.10 29.47
CA LEU A 295 -4.69 25.20 29.56
C LEU A 295 -3.87 25.22 28.27
N THR A 296 -2.55 25.14 28.43
CA THR A 296 -1.64 25.24 27.30
C THR A 296 -0.83 23.96 27.09
N THR A 297 -0.44 23.32 28.18
CA THR A 297 0.49 22.20 28.10
C THR A 297 -0.03 20.92 28.75
N GLY A 298 0.62 19.80 28.45
CA GLY A 298 0.29 18.53 29.05
C GLY A 298 -0.88 17.83 28.39
N PHE A 299 -1.17 18.19 27.16
CA PHE A 299 -2.26 17.56 26.42
C PHE A 299 -1.79 16.32 25.68
N THR A 300 -2.73 15.40 25.44
CA THR A 300 -2.43 14.20 24.67
C THR A 300 -3.40 14.12 23.49
N ALA A 301 -2.86 13.79 22.33
CA ALA A 301 -3.68 13.64 21.13
C ALA A 301 -3.55 12.22 20.59
N GLU A 302 -4.61 11.73 19.97
CA GLU A 302 -4.62 10.37 19.46
C GLU A 302 -5.47 10.27 18.21
N PHE A 303 -4.86 9.78 17.13
CA PHE A 303 -5.61 9.49 15.92
C PHE A 303 -6.53 8.29 16.14
N ILE A 304 -7.80 8.46 15.79
CA ILE A 304 -8.79 7.40 15.99
C ILE A 304 -8.76 6.39 14.84
N TRP A 305 -8.54 5.13 15.19
CA TRP A 305 -8.51 4.07 14.20
C TRP A 305 -9.87 3.90 13.54
N LYS A 306 -9.89 3.90 12.21
CA LYS A 306 -11.10 3.68 11.46
C LYS A 306 -11.04 2.34 10.75
N GLY A 307 -12.05 1.50 10.96
CA GLY A 307 -12.13 0.23 10.29
C GLY A 307 -13.08 0.31 9.11
N THR A 308 -13.12 1.48 8.49
CA THR A 308 -14.05 1.77 7.40
C THR A 308 -14.10 0.67 6.34
N SER A 309 -12.95 0.13 5.98
CA SER A 309 -12.88 -0.90 4.95
C SER A 309 -13.62 -2.16 5.38
N TYR A 310 -13.43 -2.54 6.64
CA TYR A 310 -14.06 -3.75 7.17
C TYR A 310 -15.54 -3.51 7.42
N ASP A 311 -15.91 -2.29 7.80
CA ASP A 311 -17.30 -1.94 8.02
C ASP A 311 -18.12 -2.11 6.74
N ARG A 312 -17.52 -1.71 5.63
CA ARG A 312 -18.21 -1.76 4.33
C ARG A 312 -18.27 -3.18 3.79
N MET A 313 -17.33 -4.03 4.19
CA MET A 313 -17.39 -5.44 3.80
C MET A 313 -18.54 -6.12 4.51
N GLN A 314 -18.74 -5.74 5.77
CA GLN A 314 -19.84 -6.27 6.58
C GLN A 314 -21.19 -5.79 6.05
N ASP A 315 -21.24 -4.53 5.64
CA ASP A 315 -22.46 -3.95 5.11
C ASP A 315 -22.85 -4.60 3.78
N ALA A 316 -21.83 -4.98 3.01
CA ALA A 316 -22.05 -5.65 1.74
C ALA A 316 -22.61 -7.04 1.99
N LEU A 317 -22.02 -7.75 2.93
CA LEU A 317 -22.51 -9.07 3.32
C LEU A 317 -23.96 -8.99 3.76
N LYS A 318 -24.28 -7.97 4.56
CA LYS A 318 -25.64 -7.82 5.08
C LYS A 318 -26.60 -7.47 3.95
N LYS A 319 -26.17 -6.57 3.08
CA LYS A 319 -26.97 -6.18 1.92
C LYS A 319 -27.30 -7.40 1.06
N PHE A 320 -26.31 -8.27 0.90
CA PHE A 320 -26.44 -9.48 0.11
C PHE A 320 -27.50 -10.41 0.72
N ALA A 321 -27.54 -10.43 2.05
CA ALA A 321 -28.48 -11.28 2.77
C ALA A 321 -29.85 -10.63 2.90
N ILE A 322 -29.89 -9.30 2.85
CA ILE A 322 -31.07 -8.57 3.31
C ILE A 322 -31.72 -7.63 2.28
N ASP A 323 -30.95 -7.05 1.39
CA ASP A 323 -31.50 -6.17 0.36
C ASP A 323 -31.93 -6.95 -0.87
N LYS A 324 -33.23 -7.01 -1.13
CA LYS A 324 -33.78 -7.85 -2.20
C LYS A 324 -33.51 -7.31 -3.61
N LYS A 325 -33.13 -6.03 -3.70
CA LYS A 325 -32.84 -5.41 -4.99
C LYS A 325 -31.34 -5.33 -5.22
N SER A 326 -30.57 -5.88 -4.28
CA SER A 326 -29.12 -5.72 -4.28
C SER A 326 -28.41 -6.48 -5.41
N ILE A 327 -29.01 -7.58 -5.85
CA ILE A 327 -28.36 -8.43 -6.85
C ILE A 327 -29.36 -9.31 -7.60
N SER A 328 -29.05 -9.61 -8.86
CA SER A 328 -29.95 -10.41 -9.69
C SER A 328 -29.99 -11.87 -9.22
N GLY A 329 -31.03 -12.59 -9.64
CA GLY A 329 -31.21 -13.97 -9.26
C GLY A 329 -30.06 -14.87 -9.71
N TYR A 330 -29.69 -14.75 -10.98
CA TYR A 330 -28.61 -15.55 -11.54
C TYR A 330 -27.33 -15.39 -10.72
N LEU A 331 -26.90 -14.15 -10.58
CA LEU A 331 -25.67 -13.82 -9.85
C LEU A 331 -25.76 -14.27 -8.39
N TYR A 332 -26.95 -14.11 -7.80
CA TYR A 332 -27.18 -14.47 -6.40
C TYR A 332 -26.84 -15.95 -6.17
N TYR A 333 -27.47 -16.82 -6.94
CA TYR A 333 -27.26 -18.26 -6.79
C TYR A 333 -25.86 -18.66 -7.25
N LYS A 334 -25.32 -17.93 -8.22
CA LYS A 334 -23.97 -18.17 -8.69
C LYS A 334 -23.01 -18.04 -7.50
N ILE A 335 -23.12 -16.90 -6.82
CA ILE A 335 -22.29 -16.62 -5.65
C ILE A 335 -22.50 -17.65 -4.53
N LEU A 336 -23.74 -18.16 -4.41
CA LEU A 336 -24.06 -19.14 -3.38
C LEU A 336 -23.39 -20.50 -3.66
N GLY A 337 -22.96 -20.70 -4.89
CA GLY A 337 -22.31 -21.95 -5.28
C GLY A 337 -23.30 -22.96 -5.82
N HIS A 338 -24.48 -22.50 -6.18
CA HIS A 338 -25.51 -23.37 -6.73
C HIS A 338 -25.33 -23.61 -8.22
N GLN A 339 -26.09 -24.55 -8.76
CA GLN A 339 -26.09 -24.80 -10.19
C GLN A 339 -27.16 -23.94 -10.86
N VAL A 340 -26.75 -23.22 -11.90
CA VAL A 340 -27.68 -22.35 -12.62
C VAL A 340 -27.54 -22.53 -14.12
N VAL A 341 -28.66 -22.52 -14.83
CA VAL A 341 -28.63 -22.58 -16.28
C VAL A 341 -28.04 -21.31 -16.84
N ASP A 342 -27.10 -21.44 -17.78
CA ASP A 342 -26.45 -20.28 -18.37
C ASP A 342 -27.44 -19.41 -19.14
N ILE A 343 -27.26 -18.10 -19.06
CA ILE A 343 -28.15 -17.15 -19.74
C ILE A 343 -27.41 -16.39 -20.84
N SER A 344 -28.15 -16.01 -21.87
CA SER A 344 -27.63 -15.11 -22.89
C SER A 344 -28.47 -13.83 -22.93
N PHE A 345 -27.79 -12.71 -23.15
CA PHE A 345 -28.49 -11.45 -23.33
C PHE A 345 -28.82 -11.25 -24.80
N ASP A 346 -30.01 -10.73 -25.08
CA ASP A 346 -30.38 -10.34 -26.43
C ASP A 346 -29.68 -9.02 -26.76
N VAL A 347 -28.49 -9.12 -27.35
CA VAL A 347 -27.63 -7.96 -27.56
C VAL A 347 -27.05 -7.86 -28.97
N PRO A 348 -27.23 -6.69 -29.60
CA PRO A 348 -26.68 -6.39 -30.93
C PRO A 348 -25.17 -6.20 -30.89
N LEU A 349 -24.45 -7.01 -31.66
CA LEU A 349 -23.00 -6.96 -31.70
C LEU A 349 -22.52 -5.95 -32.74
N PRO A 350 -21.35 -5.33 -32.49
CA PRO A 350 -20.74 -4.44 -33.48
C PRO A 350 -19.97 -5.24 -34.53
N LYS A 351 -19.77 -4.65 -35.70
CA LYS A 351 -19.05 -5.32 -36.78
C LYS A 351 -17.60 -5.57 -36.38
N GLU A 352 -16.95 -4.54 -35.87
CA GLU A 352 -15.57 -4.65 -35.41
C GLU A 352 -15.47 -4.24 -33.95
N PHE A 353 -14.77 -5.05 -33.17
CA PHE A 353 -14.67 -4.82 -31.73
C PHE A 353 -13.53 -3.87 -31.37
N SER A 354 -12.48 -3.86 -32.17
CA SER A 354 -11.35 -2.96 -31.94
C SER A 354 -11.75 -1.52 -32.18
N ILE A 355 -11.13 -0.60 -31.43
CA ILE A 355 -11.38 0.82 -31.60
C ILE A 355 -10.28 1.50 -32.39
N PRO A 356 -10.65 2.20 -33.47
CA PRO A 356 -9.71 2.94 -34.32
C PRO A 356 -8.74 3.80 -33.53
N ASN A 357 -7.55 3.99 -34.08
CA ASN A 357 -6.51 4.80 -33.45
C ASN A 357 -6.05 4.22 -32.12
N PHE A 358 -6.48 3.01 -31.81
CA PHE A 358 -6.06 2.32 -30.61
C PHE A 358 -5.61 0.90 -30.92
N ALA A 359 -5.45 0.09 -29.89
CA ALA A 359 -4.98 -1.27 -30.06
C ALA A 359 -5.89 -2.08 -30.98
N GLN A 360 -5.27 -2.86 -31.86
CA GLN A 360 -6.03 -3.81 -32.67
C GLN A 360 -6.00 -5.17 -31.98
N LEU A 361 -7.16 -5.60 -31.50
CA LEU A 361 -7.28 -6.86 -30.78
C LEU A 361 -6.95 -8.05 -31.66
N ASN A 362 -6.28 -9.04 -31.09
CA ASN A 362 -6.13 -10.33 -31.76
C ASN A 362 -7.47 -11.08 -31.67
N SER A 363 -7.52 -12.27 -32.26
CA SER A 363 -8.78 -13.00 -32.32
C SER A 363 -9.28 -13.48 -30.96
N SER A 364 -8.36 -13.89 -30.08
CA SER A 364 -8.73 -14.33 -28.75
C SER A 364 -9.36 -13.19 -27.95
N GLN A 365 -8.76 -12.01 -28.05
CA GLN A 365 -9.27 -10.83 -27.36
C GLN A 365 -10.61 -10.41 -27.93
N SER A 366 -10.73 -10.48 -29.26
CA SER A 366 -11.96 -10.12 -29.94
C SER A 366 -13.11 -11.06 -29.58
N ASN A 367 -12.85 -12.36 -29.62
CA ASN A 367 -13.86 -13.34 -29.26
C ASN A 367 -14.25 -13.18 -27.80
N ALA A 368 -13.29 -12.76 -26.99
CA ALA A 368 -13.50 -12.54 -25.56
C ALA A 368 -14.53 -11.43 -25.36
N VAL A 369 -14.36 -10.32 -26.06
CA VAL A 369 -15.28 -9.20 -25.94
C VAL A 369 -16.64 -9.55 -26.52
N SER A 370 -16.65 -10.40 -27.55
CA SER A 370 -17.90 -10.86 -28.15
C SER A 370 -18.68 -11.72 -27.18
N HIS A 371 -17.99 -12.66 -26.55
CA HIS A 371 -18.62 -13.57 -25.59
C HIS A 371 -19.10 -12.85 -24.33
N VAL A 372 -18.30 -11.91 -23.84
CA VAL A 372 -18.61 -11.23 -22.59
C VAL A 372 -19.86 -10.36 -22.69
N LEU A 373 -20.03 -9.69 -23.82
CA LEU A 373 -21.15 -8.77 -24.02
C LEU A 373 -22.52 -9.42 -23.80
N GLN A 374 -22.57 -10.75 -23.81
CA GLN A 374 -23.86 -11.45 -23.74
C GLN A 374 -24.04 -12.32 -22.50
N ARG A 375 -23.08 -12.28 -21.58
CA ARG A 375 -23.15 -13.09 -20.37
C ARG A 375 -23.36 -12.23 -19.13
N PRO A 376 -24.16 -12.73 -18.18
CA PRO A 376 -24.36 -12.07 -16.88
C PRO A 376 -23.10 -12.11 -16.03
N LEU A 377 -22.27 -13.12 -16.23
CA LEU A 377 -21.03 -13.26 -15.46
C LEU A 377 -19.89 -13.76 -16.33
N SER A 378 -18.79 -13.01 -16.36
CA SER A 378 -17.63 -13.38 -17.16
C SER A 378 -16.33 -13.30 -16.35
N LEU A 379 -15.48 -14.30 -16.50
CA LEU A 379 -14.17 -14.29 -15.83
C LEU A 379 -13.05 -14.27 -16.86
N ILE A 380 -12.32 -13.17 -16.91
CA ILE A 380 -11.19 -13.04 -17.81
C ILE A 380 -9.89 -13.38 -17.08
N GLN A 381 -9.22 -14.42 -17.56
CA GLN A 381 -8.05 -14.97 -16.90
C GLN A 381 -6.85 -14.94 -17.86
N GLY A 382 -5.66 -14.78 -17.30
CA GLY A 382 -4.46 -14.73 -18.11
C GLY A 382 -3.23 -14.21 -17.39
N PRO A 383 -2.05 -14.68 -17.80
CA PRO A 383 -0.76 -14.21 -17.27
C PRO A 383 -0.57 -12.72 -17.52
N PRO A 384 0.52 -12.14 -16.98
CA PRO A 384 0.77 -10.70 -17.09
C PRO A 384 0.92 -10.22 -18.53
N GLY A 385 0.33 -9.07 -18.83
CA GLY A 385 0.51 -8.41 -20.12
C GLY A 385 -0.17 -9.05 -21.30
N THR A 386 -1.19 -9.86 -21.05
CA THR A 386 -1.93 -10.50 -22.14
C THR A 386 -3.09 -9.64 -22.63
N GLY A 387 -3.16 -8.41 -22.14
CA GLY A 387 -4.15 -7.47 -22.60
C GLY A 387 -5.49 -7.60 -21.91
N LYS A 388 -5.47 -8.07 -20.67
CA LYS A 388 -6.70 -8.21 -19.91
C LYS A 388 -7.39 -6.86 -19.70
N THR A 389 -6.59 -5.84 -19.39
CA THR A 389 -7.14 -4.51 -19.13
C THR A 389 -7.57 -3.78 -20.39
N VAL A 390 -6.81 -3.94 -21.47
CA VAL A 390 -7.19 -3.30 -22.73
C VAL A 390 -8.48 -3.94 -23.25
N THR A 391 -8.58 -5.25 -23.08
CA THR A 391 -9.78 -5.97 -23.50
C THR A 391 -10.97 -5.52 -22.67
N SER A 392 -10.73 -5.33 -21.37
CA SER A 392 -11.79 -4.87 -20.47
C SER A 392 -12.26 -3.47 -20.82
N ALA A 393 -11.31 -2.59 -21.14
CA ALA A 393 -11.62 -1.22 -21.54
C ALA A 393 -12.48 -1.23 -22.78
N THR A 394 -12.18 -2.13 -23.70
CA THR A 394 -12.94 -2.26 -24.92
C THR A 394 -14.36 -2.72 -24.60
N ILE A 395 -14.47 -3.69 -23.71
CA ILE A 395 -15.77 -4.21 -23.29
C ILE A 395 -16.64 -3.11 -22.70
N VAL A 396 -16.10 -2.39 -21.73
CA VAL A 396 -16.80 -1.27 -21.12
C VAL A 396 -17.24 -0.27 -22.19
N TYR A 397 -16.35 0.02 -23.12
CA TYR A 397 -16.65 0.95 -24.20
C TYR A 397 -17.87 0.50 -24.99
N HIS A 398 -17.94 -0.79 -25.28
CA HIS A 398 -19.03 -1.35 -26.08
C HIS A 398 -20.33 -1.49 -25.31
N LEU A 399 -20.25 -1.87 -24.05
CA LEU A 399 -21.43 -1.91 -23.19
C LEU A 399 -22.03 -0.52 -23.10
N SER A 400 -21.17 0.48 -23.05
CA SER A 400 -21.61 1.87 -22.94
C SER A 400 -22.41 2.32 -24.15
N LYS A 401 -21.92 2.01 -25.35
CA LYS A 401 -22.58 2.41 -26.58
C LYS A 401 -23.89 1.64 -26.80
N ILE A 402 -23.90 0.38 -26.38
CA ILE A 402 -25.06 -0.48 -26.61
C ILE A 402 -26.24 -0.16 -25.69
N HIS A 403 -25.94 0.05 -24.41
CA HIS A 403 -27.00 0.24 -23.41
C HIS A 403 -27.14 1.69 -22.98
N LYS A 404 -26.09 2.49 -23.19
CA LYS A 404 -26.09 3.87 -22.72
C LYS A 404 -26.54 3.92 -21.27
N ASP A 405 -25.87 3.14 -20.43
CA ASP A 405 -26.26 2.98 -19.03
C ASP A 405 -25.03 2.98 -18.13
N ARG A 406 -25.10 3.67 -17.00
CA ARG A 406 -23.96 3.79 -16.10
C ARG A 406 -23.27 2.47 -15.81
N ILE A 407 -21.95 2.48 -15.87
CA ILE A 407 -21.14 1.30 -15.55
C ILE A 407 -20.23 1.60 -14.37
N LEU A 408 -20.16 0.67 -13.43
CA LEU A 408 -19.28 0.81 -12.28
C LEU A 408 -17.99 0.02 -12.51
N VAL A 409 -16.86 0.72 -12.46
CA VAL A 409 -15.56 0.10 -12.73
C VAL A 409 -14.65 0.19 -11.51
N CYS A 410 -14.11 -0.94 -11.10
CA CYS A 410 -13.36 -1.00 -9.85
C CYS A 410 -12.10 -1.86 -9.89
N ALA A 411 -11.23 -1.63 -8.90
CA ALA A 411 -10.06 -2.45 -8.65
C ALA A 411 -9.74 -2.29 -7.17
N PRO A 412 -9.04 -3.27 -6.59
CA PRO A 412 -8.71 -3.18 -5.16
C PRO A 412 -7.79 -2.00 -4.81
N SER A 413 -6.87 -1.66 -5.70
CA SER A 413 -5.88 -0.62 -5.40
C SER A 413 -6.16 0.69 -6.14
N ASN A 414 -5.66 1.79 -5.59
CA ASN A 414 -5.89 3.11 -6.15
C ASN A 414 -5.21 3.35 -7.50
N VAL A 415 -3.99 2.83 -7.67
CA VAL A 415 -3.25 3.08 -8.90
C VAL A 415 -3.82 2.28 -10.07
N ALA A 416 -4.38 1.11 -9.78
CA ALA A 416 -5.01 0.29 -10.81
C ALA A 416 -6.29 0.97 -11.29
N VAL A 417 -6.98 1.61 -10.35
CA VAL A 417 -8.19 2.36 -10.67
C VAL A 417 -7.87 3.54 -11.57
N ASP A 418 -6.86 4.31 -11.19
CA ASP A 418 -6.41 5.45 -11.98
C ASP A 418 -6.03 5.03 -13.40
N HIS A 419 -5.23 3.99 -13.50
CA HIS A 419 -4.78 3.47 -14.79
C HIS A 419 -5.96 3.17 -15.70
N LEU A 420 -6.94 2.45 -15.18
CA LEU A 420 -8.10 2.04 -15.96
C LEU A 420 -8.97 3.25 -16.33
N ALA A 421 -9.09 4.19 -15.39
CA ALA A 421 -9.86 5.41 -15.63
C ALA A 421 -9.25 6.20 -16.79
N ALA A 422 -7.93 6.22 -16.86
CA ALA A 422 -7.21 6.93 -17.91
C ALA A 422 -7.50 6.33 -19.29
N LYS A 423 -7.44 5.01 -19.37
CA LYS A 423 -7.72 4.31 -20.62
C LYS A 423 -9.14 4.61 -21.10
N LEU A 424 -10.09 4.55 -20.17
CA LEU A 424 -11.48 4.80 -20.49
C LEU A 424 -11.69 6.23 -20.97
N ARG A 425 -11.00 7.17 -20.35
CA ARG A 425 -11.08 8.58 -20.75
C ARG A 425 -10.52 8.76 -22.16
N ASP A 426 -9.49 7.99 -22.48
CA ASP A 426 -8.85 8.07 -23.78
C ASP A 426 -9.78 7.59 -24.89
N LEU A 427 -10.69 6.70 -24.55
CA LEU A 427 -11.64 6.16 -25.51
C LEU A 427 -12.81 7.11 -25.72
N GLY A 428 -12.84 8.19 -24.93
CA GLY A 428 -13.83 9.24 -25.10
C GLY A 428 -15.09 9.04 -24.27
N LEU A 429 -14.97 8.29 -23.18
CA LEU A 429 -16.10 8.07 -22.29
C LEU A 429 -16.11 9.13 -21.19
N LYS A 430 -17.30 9.46 -20.70
CA LYS A 430 -17.42 10.38 -19.58
C LYS A 430 -17.15 9.63 -18.27
N VAL A 431 -15.92 9.72 -17.79
CA VAL A 431 -15.50 9.00 -16.59
C VAL A 431 -15.48 9.90 -15.36
N VAL A 432 -16.04 9.39 -14.27
CA VAL A 432 -15.97 10.09 -12.98
C VAL A 432 -15.17 9.25 -11.99
N ARG A 433 -14.02 9.78 -11.57
CA ARG A 433 -13.17 9.09 -10.60
C ARG A 433 -13.51 9.51 -9.18
N LEU A 434 -14.16 8.61 -8.44
CA LEU A 434 -14.49 8.88 -7.05
C LEU A 434 -13.38 8.43 -6.13
N THR A 435 -12.63 9.38 -5.58
CA THR A 435 -11.51 9.08 -4.70
C THR A 435 -11.94 9.14 -3.25
N ALA A 436 -11.23 8.39 -2.40
CA ALA A 436 -11.49 8.42 -0.97
C ALA A 436 -11.24 9.83 -0.44
N LYS A 437 -12.00 10.20 0.59
CA LYS A 437 -11.83 11.51 1.21
C LYS A 437 -10.38 11.68 1.66
N SER A 438 -9.76 10.59 2.07
CA SER A 438 -8.42 10.62 2.61
C SER A 438 -7.40 11.04 1.56
N ARG A 439 -7.69 10.74 0.29
CA ARG A 439 -6.73 10.95 -0.78
C ARG A 439 -7.09 12.11 -1.71
N GLU A 440 -8.03 12.95 -1.29
CA GLU A 440 -8.45 14.07 -2.12
C GLU A 440 -7.33 15.07 -2.40
N ASP A 441 -6.33 15.10 -1.53
CA ASP A 441 -5.19 15.99 -1.71
C ASP A 441 -3.98 15.26 -2.27
N VAL A 442 -4.17 13.98 -2.58
CA VAL A 442 -3.11 13.17 -3.16
C VAL A 442 -2.99 13.45 -4.66
N GLU A 443 -1.75 13.54 -5.14
CA GLU A 443 -1.51 13.81 -6.56
C GLU A 443 -1.91 12.61 -7.40
N SER A 444 -2.60 12.87 -8.51
CA SER A 444 -3.09 11.79 -9.37
C SER A 444 -2.96 12.10 -10.86
N SER A 445 -2.84 11.04 -11.65
CA SER A 445 -2.77 11.18 -13.10
C SER A 445 -4.13 11.48 -13.70
N VAL A 446 -5.18 11.30 -12.91
CA VAL A 446 -6.55 11.55 -13.37
C VAL A 446 -7.30 12.46 -12.42
N SER A 447 -6.59 13.41 -11.82
CA SER A 447 -7.21 14.37 -10.92
C SER A 447 -8.33 15.15 -11.60
N ASN A 448 -8.18 15.37 -12.89
CA ASN A 448 -9.18 16.12 -13.65
C ASN A 448 -10.51 15.35 -13.77
N LEU A 449 -10.49 14.10 -13.33
CA LEU A 449 -11.67 13.24 -13.39
C LEU A 449 -12.27 13.04 -12.01
N ALA A 450 -11.57 13.49 -10.98
CA ALA A 450 -12.02 13.35 -9.60
C ALA A 450 -13.34 14.09 -9.37
N LEU A 451 -14.27 13.44 -8.68
CA LEU A 451 -15.57 14.02 -8.42
C LEU A 451 -15.46 15.39 -7.76
N HIS A 452 -14.57 15.51 -6.78
CA HIS A 452 -14.41 16.77 -6.05
C HIS A 452 -13.90 17.89 -6.95
N ASN A 453 -13.06 17.56 -7.92
CA ASN A 453 -12.58 18.54 -8.88
C ASN A 453 -13.63 18.87 -9.93
N LEU A 454 -14.48 17.90 -10.25
CA LEU A 454 -15.56 18.11 -11.20
C LEU A 454 -16.61 19.02 -10.60
N VAL A 455 -16.81 18.92 -9.30
CA VAL A 455 -17.74 19.80 -8.60
C VAL A 455 -17.29 21.25 -8.72
N GLY A 456 -16.01 21.50 -8.43
CA GLY A 456 -15.45 22.83 -8.54
C GLY A 456 -15.55 23.34 -9.96
N ARG A 457 -14.94 22.62 -10.88
CA ARG A 457 -15.00 22.99 -12.29
C ARG A 457 -16.43 22.98 -12.79
N GLY A 458 -16.74 23.83 -13.76
CA GLY A 458 -18.04 23.86 -14.38
C GLY A 458 -19.21 23.95 -13.40
N ALA A 459 -19.03 24.70 -12.32
CA ALA A 459 -20.12 24.99 -11.40
C ALA A 459 -20.35 26.49 -11.38
N LYS A 460 -21.58 26.91 -11.10
CA LYS A 460 -21.90 28.33 -11.14
C LYS A 460 -22.96 28.73 -10.12
N GLY A 461 -23.31 30.01 -10.10
CA GLY A 461 -24.31 30.53 -9.20
C GLY A 461 -23.85 30.51 -7.75
N GLU A 462 -24.77 30.18 -6.86
CA GLU A 462 -24.51 30.21 -5.42
C GLU A 462 -23.34 29.32 -5.01
N LEU A 463 -23.21 28.17 -5.66
CA LEU A 463 -22.13 27.24 -5.35
C LEU A 463 -20.77 27.82 -5.72
N LYS A 464 -20.71 28.48 -6.88
CA LYS A 464 -19.48 29.11 -7.33
C LYS A 464 -19.01 30.12 -6.29
N ASN A 465 -19.95 30.91 -5.77
CA ASN A 465 -19.65 31.89 -4.74
C ASN A 465 -19.11 31.26 -3.46
N LEU A 466 -19.79 30.22 -2.98
CA LEU A 466 -19.37 29.54 -1.74
C LEU A 466 -18.01 28.89 -1.86
N LEU A 467 -17.65 28.47 -3.08
CA LEU A 467 -16.37 27.84 -3.34
C LEU A 467 -15.22 28.86 -3.32
N LYS A 468 -15.40 29.96 -4.05
CA LYS A 468 -14.41 31.02 -4.07
C LYS A 468 -14.20 31.56 -2.67
N LEU A 469 -15.30 31.73 -1.94
CA LEU A 469 -15.27 32.24 -0.58
C LEU A 469 -14.47 31.32 0.33
N LYS A 470 -14.72 30.01 0.20
CA LYS A 470 -14.03 29.02 1.03
C LYS A 470 -12.54 28.94 0.71
N ASP A 471 -12.20 29.19 -0.54
CA ASP A 471 -10.80 29.14 -0.97
C ASP A 471 -10.05 30.39 -0.54
N GLU A 472 -10.65 31.55 -0.77
CA GLU A 472 -10.03 32.83 -0.44
C GLU A 472 -10.01 33.08 1.07
N VAL A 473 -11.09 32.75 1.75
CA VAL A 473 -11.18 32.94 3.19
C VAL A 473 -10.53 31.77 3.93
N GLY A 474 -10.75 30.56 3.39
CA GLY A 474 -10.23 29.35 4.00
C GLY A 474 -11.18 28.81 5.05
N GLU A 475 -12.38 29.35 5.08
CA GLU A 475 -13.30 29.11 6.18
C GLU A 475 -14.74 29.43 5.76
N LEU A 476 -15.70 28.83 6.44
CA LEU A 476 -17.12 29.16 6.22
C LEU A 476 -17.88 29.22 7.55
N SER A 477 -18.91 30.05 7.57
CA SER A 477 -19.75 30.19 8.75
C SER A 477 -20.67 28.97 8.86
N ALA A 478 -21.35 28.85 10.01
CA ALA A 478 -22.25 27.74 10.23
C ALA A 478 -23.33 27.67 9.16
N SER A 479 -24.00 28.80 8.92
CA SER A 479 -25.09 28.86 7.94
C SER A 479 -24.61 28.58 6.52
N ASP A 480 -23.44 29.09 6.17
CA ASP A 480 -22.88 28.89 4.84
C ASP A 480 -22.36 27.47 4.64
N THR A 481 -21.97 26.83 5.74
CA THR A 481 -21.47 25.47 5.67
C THR A 481 -22.60 24.51 5.36
N LYS A 482 -23.72 24.68 6.05
CA LYS A 482 -24.89 23.84 5.82
C LYS A 482 -25.42 24.06 4.41
N ARG A 483 -25.33 25.30 3.93
CA ARG A 483 -25.76 25.64 2.58
C ARG A 483 -24.78 25.04 1.57
N PHE A 484 -23.50 25.09 1.90
CA PHE A 484 -22.45 24.55 1.05
C PHE A 484 -22.61 23.05 0.86
N VAL A 485 -22.83 22.35 1.98
CA VAL A 485 -22.96 20.89 1.95
C VAL A 485 -24.16 20.44 1.13
N LYS A 486 -25.27 21.15 1.25
CA LYS A 486 -26.49 20.83 0.51
C LYS A 486 -26.25 20.94 -1.00
N LEU A 487 -25.61 22.04 -1.40
CA LEU A 487 -25.36 22.31 -2.81
C LEU A 487 -24.33 21.35 -3.42
N VAL A 488 -23.30 20.99 -2.66
CA VAL A 488 -22.29 20.06 -3.15
C VAL A 488 -22.87 18.68 -3.39
N ARG A 489 -23.66 18.19 -2.45
CA ARG A 489 -24.32 16.90 -2.59
C ARG A 489 -25.19 16.86 -3.83
N LYS A 490 -25.96 17.93 -4.04
CA LYS A 490 -26.82 18.03 -5.22
C LYS A 490 -26.01 17.97 -6.50
N THR A 491 -24.88 18.67 -6.51
CA THR A 491 -24.02 18.73 -7.68
C THR A 491 -23.30 17.41 -7.89
N GLU A 492 -22.86 16.80 -6.79
CA GLU A 492 -22.19 15.50 -6.87
C GLU A 492 -23.10 14.46 -7.51
N ALA A 493 -24.34 14.40 -7.02
CA ALA A 493 -25.33 13.45 -7.54
C ALA A 493 -25.57 13.66 -9.02
N GLU A 494 -25.69 14.92 -9.44
CA GLU A 494 -25.96 15.24 -10.84
C GLU A 494 -24.82 14.79 -11.74
N ILE A 495 -23.59 14.92 -11.24
CA ILE A 495 -22.42 14.51 -12.00
C ILE A 495 -22.35 12.99 -12.08
N LEU A 496 -22.55 12.33 -10.95
CA LEU A 496 -22.51 10.86 -10.89
C LEU A 496 -23.61 10.25 -11.75
N ASN A 497 -24.75 10.91 -11.82
CA ASN A 497 -25.90 10.41 -12.57
C ASN A 497 -25.71 10.47 -14.07
N LYS A 498 -24.96 11.47 -14.54
CA LYS A 498 -24.80 11.70 -15.97
C LYS A 498 -23.51 11.07 -16.51
N ALA A 499 -22.85 10.26 -15.69
CA ALA A 499 -21.58 9.66 -16.08
C ALA A 499 -21.76 8.37 -16.88
N ASP A 500 -20.91 8.18 -17.87
CA ASP A 500 -20.90 6.93 -18.62
C ASP A 500 -20.30 5.84 -17.74
N VAL A 501 -19.29 6.24 -16.98
CA VAL A 501 -18.57 5.31 -16.12
C VAL A 501 -18.18 5.95 -14.79
N VAL A 502 -18.35 5.20 -13.71
CA VAL A 502 -17.85 5.62 -12.41
C VAL A 502 -16.70 4.71 -11.99
N CYS A 503 -15.54 5.30 -11.72
CA CYS A 503 -14.36 4.55 -11.32
C CYS A 503 -14.01 4.76 -9.86
N CYS A 504 -13.75 3.66 -9.15
CA CYS A 504 -13.40 3.73 -7.74
C CYS A 504 -12.82 2.39 -7.27
N THR A 505 -12.19 2.40 -6.09
CA THR A 505 -11.72 1.17 -5.49
C THR A 505 -12.92 0.34 -5.04
N CYS A 506 -12.71 -0.95 -4.82
CA CYS A 506 -13.79 -1.82 -4.38
C CYS A 506 -14.43 -1.32 -3.09
N VAL A 507 -13.60 -0.97 -2.11
CA VAL A 507 -14.09 -0.46 -0.84
C VAL A 507 -14.71 0.92 -1.02
N GLY A 508 -14.11 1.72 -1.90
CA GLY A 508 -14.63 3.06 -2.17
C GLY A 508 -16.00 2.99 -2.79
N ALA A 509 -16.33 1.84 -3.39
CA ALA A 509 -17.64 1.62 -3.97
C ALA A 509 -18.71 1.63 -2.87
N GLY A 510 -18.26 1.48 -1.62
CA GLY A 510 -19.15 1.49 -0.48
C GLY A 510 -19.41 2.89 0.03
N ASP A 511 -18.86 3.88 -0.67
CA ASP A 511 -19.03 5.27 -0.28
C ASP A 511 -20.50 5.68 -0.32
N LYS A 512 -20.91 6.54 0.62
CA LYS A 512 -22.31 6.92 0.75
C LYS A 512 -22.84 7.75 -0.41
N ARG A 513 -21.94 8.34 -1.20
CA ARG A 513 -22.35 9.16 -2.33
C ARG A 513 -22.94 8.28 -3.43
N LEU A 514 -22.57 7.01 -3.42
CA LEU A 514 -23.06 6.05 -4.40
C LEU A 514 -24.30 5.34 -3.87
N ASP A 515 -25.33 6.12 -3.57
CA ASP A 515 -26.57 5.58 -3.03
C ASP A 515 -27.49 5.12 -4.15
N THR A 516 -26.92 4.92 -5.34
CA THR A 516 -27.71 4.54 -6.51
C THR A 516 -27.37 3.14 -7.03
N LYS A 517 -28.14 2.68 -8.02
CA LYS A 517 -27.97 1.34 -8.57
C LYS A 517 -27.00 1.32 -9.75
N PHE A 518 -26.16 0.29 -9.78
CA PHE A 518 -25.26 0.06 -10.91
C PHE A 518 -25.53 -1.34 -11.45
N ARG A 519 -26.09 -1.39 -12.66
CA ARG A 519 -26.50 -2.66 -13.25
C ARG A 519 -25.33 -3.47 -13.84
N THR A 520 -24.28 -2.78 -14.27
CA THR A 520 -23.12 -3.45 -14.84
C THR A 520 -21.84 -3.11 -14.10
N VAL A 521 -21.09 -4.13 -13.70
CA VAL A 521 -19.89 -3.96 -12.89
C VAL A 521 -18.69 -4.71 -13.47
N LEU A 522 -17.57 -4.01 -13.63
CA LEU A 522 -16.33 -4.67 -14.01
C LEU A 522 -15.29 -4.45 -12.93
N ILE A 523 -14.71 -5.55 -12.44
CA ILE A 523 -13.67 -5.49 -11.43
C ILE A 523 -12.35 -6.01 -11.99
N ASP A 524 -11.41 -5.11 -12.23
CA ASP A 524 -10.10 -5.50 -12.70
C ASP A 524 -9.24 -5.90 -11.51
N GLU A 525 -8.24 -6.75 -11.76
CA GLU A 525 -7.34 -7.20 -10.71
C GLU A 525 -8.12 -7.75 -9.51
N SER A 526 -9.25 -8.39 -9.80
CA SER A 526 -10.12 -8.89 -8.76
C SER A 526 -9.43 -9.94 -7.90
N THR A 527 -8.37 -10.55 -8.43
CA THR A 527 -7.64 -11.59 -7.70
C THR A 527 -6.84 -11.02 -6.53
N GLN A 528 -6.76 -9.70 -6.46
CA GLN A 528 -6.06 -9.03 -5.36
C GLN A 528 -6.98 -8.76 -4.18
N ALA A 529 -8.26 -9.09 -4.33
CA ALA A 529 -9.23 -8.78 -3.30
C ALA A 529 -9.81 -10.01 -2.64
N SER A 530 -10.12 -9.91 -1.34
CA SER A 530 -10.84 -10.96 -0.65
C SER A 530 -12.27 -10.94 -1.18
N GLU A 531 -13.02 -12.00 -0.92
CA GLU A 531 -14.34 -12.15 -1.52
C GLU A 531 -15.34 -11.07 -1.07
N PRO A 532 -15.37 -10.76 0.23
CA PRO A 532 -16.30 -9.72 0.70
C PRO A 532 -15.95 -8.35 0.13
N GLU A 533 -14.69 -8.12 -0.20
CA GLU A 533 -14.27 -6.84 -0.77
C GLU A 533 -14.84 -6.69 -2.18
N CYS A 534 -14.76 -7.77 -2.96
CA CYS A 534 -15.31 -7.79 -4.31
C CYS A 534 -16.83 -7.64 -4.27
N LEU A 535 -17.42 -8.04 -3.15
CA LEU A 535 -18.87 -8.04 -3.01
C LEU A 535 -19.45 -6.62 -2.96
N ILE A 536 -18.66 -5.68 -2.45
CA ILE A 536 -19.13 -4.31 -2.24
C ILE A 536 -19.75 -3.66 -3.48
N PRO A 537 -19.02 -3.65 -4.61
CA PRO A 537 -19.57 -3.02 -5.82
C PRO A 537 -20.62 -3.90 -6.52
N ILE A 538 -20.60 -5.20 -6.23
CA ILE A 538 -21.50 -6.14 -6.90
C ILE A 538 -22.92 -6.12 -6.32
N VAL A 539 -23.03 -5.72 -5.06
CA VAL A 539 -24.31 -5.73 -4.36
C VAL A 539 -25.04 -4.39 -4.49
N LYS A 540 -24.96 -3.79 -5.67
CA LYS A 540 -25.61 -2.51 -5.92
C LYS A 540 -26.62 -2.58 -7.07
N GLY A 541 -27.28 -3.72 -7.21
CA GLY A 541 -28.25 -3.92 -8.27
C GLY A 541 -27.62 -4.51 -9.52
N ALA A 542 -26.57 -5.29 -9.33
CA ALA A 542 -25.80 -5.81 -10.47
C ALA A 542 -26.58 -6.83 -11.30
N LYS A 543 -26.46 -6.70 -12.62
CA LYS A 543 -27.13 -7.60 -13.56
C LYS A 543 -26.08 -8.32 -14.39
N GLN A 544 -25.02 -7.59 -14.72
CA GLN A 544 -23.94 -8.13 -15.53
C GLN A 544 -22.60 -7.83 -14.85
N VAL A 545 -21.80 -8.87 -14.64
CA VAL A 545 -20.54 -8.73 -13.91
C VAL A 545 -19.36 -9.33 -14.66
N ILE A 546 -18.28 -8.57 -14.72
CA ILE A 546 -17.03 -9.06 -15.31
C ILE A 546 -15.90 -9.01 -14.29
N LEU A 547 -15.27 -10.16 -14.05
CA LEU A 547 -14.14 -10.23 -13.13
C LEU A 547 -12.86 -10.58 -13.88
N VAL A 548 -11.84 -9.76 -13.73
CA VAL A 548 -10.55 -10.01 -14.34
C VAL A 548 -9.55 -10.42 -13.27
N GLY A 549 -8.62 -11.31 -13.61
CA GLY A 549 -7.64 -11.72 -12.62
C GLY A 549 -6.60 -12.73 -13.08
N ASP A 550 -5.68 -13.01 -12.16
CA ASP A 550 -4.63 -13.99 -12.37
C ASP A 550 -4.18 -14.45 -10.98
N HIS A 551 -4.47 -15.70 -10.65
CA HIS A 551 -4.19 -16.19 -9.31
C HIS A 551 -2.69 -16.39 -9.06
N GLN A 552 -1.89 -16.20 -10.10
CA GLN A 552 -0.44 -16.31 -9.96
C GLN A 552 0.18 -14.95 -9.67
N GLN A 553 -0.64 -13.91 -9.74
CA GLN A 553 -0.21 -12.60 -9.30
C GLN A 553 -0.73 -12.39 -7.87
N LEU A 554 -0.53 -11.19 -7.31
CA LEU A 554 -0.75 -10.97 -5.89
C LEU A 554 -2.17 -11.20 -5.38
N GLY A 555 -2.27 -11.87 -4.24
CA GLY A 555 -3.55 -12.05 -3.56
C GLY A 555 -3.76 -10.95 -2.54
N PRO A 556 -4.88 -11.03 -1.80
CA PRO A 556 -5.18 -10.00 -0.80
C PRO A 556 -4.26 -10.12 0.43
N VAL A 557 -4.11 -9.02 1.16
CA VAL A 557 -3.30 -9.02 2.36
C VAL A 557 -4.15 -9.34 3.59
N ILE A 558 -3.98 -10.54 4.13
CA ILE A 558 -4.70 -10.94 5.33
C ILE A 558 -3.73 -11.00 6.51
N LEU A 559 -3.81 -10.01 7.40
CA LEU A 559 -2.90 -9.92 8.54
C LEU A 559 -3.13 -11.05 9.54
N GLU A 560 -4.39 -11.38 9.77
CA GLU A 560 -4.79 -12.37 10.76
C GLU A 560 -4.68 -13.78 10.21
N ARG A 561 -3.81 -14.58 10.80
CA ARG A 561 -3.48 -15.90 10.26
C ARG A 561 -4.64 -16.89 10.34
N LYS A 562 -5.43 -16.80 11.40
CA LYS A 562 -6.58 -17.70 11.57
C LYS A 562 -7.63 -17.41 10.52
N ALA A 563 -7.79 -16.13 10.17
CA ALA A 563 -8.71 -15.72 9.13
C ALA A 563 -8.20 -16.21 7.78
N ALA A 564 -6.89 -16.10 7.57
CA ALA A 564 -6.26 -16.57 6.35
C ALA A 564 -6.33 -18.08 6.26
N ASP A 565 -6.12 -18.75 7.40
CA ASP A 565 -6.21 -20.19 7.46
C ASP A 565 -7.61 -20.66 7.09
N ALA A 566 -8.61 -19.89 7.51
CA ALA A 566 -10.00 -20.25 7.30
C ALA A 566 -10.43 -20.05 5.84
N GLY A 567 -9.56 -19.41 5.06
CA GLY A 567 -9.78 -19.28 3.64
C GLY A 567 -10.16 -17.88 3.17
N LEU A 568 -9.81 -16.87 3.97
CA LEU A 568 -10.14 -15.49 3.61
C LEU A 568 -9.24 -14.97 2.50
N LYS A 569 -8.23 -15.76 2.15
CA LYS A 569 -7.30 -15.39 1.09
C LYS A 569 -7.87 -15.71 -0.29
N GLN A 570 -8.87 -16.58 -0.32
CA GLN A 570 -9.48 -16.98 -1.59
C GLN A 570 -10.39 -15.90 -2.15
N SER A 571 -10.07 -15.44 -3.36
CA SER A 571 -10.87 -14.42 -4.02
C SER A 571 -12.13 -15.02 -4.63
N LEU A 572 -13.10 -14.16 -4.95
CA LEU A 572 -14.32 -14.59 -5.60
C LEU A 572 -14.00 -15.21 -6.95
N PHE A 573 -13.07 -14.60 -7.66
CA PHE A 573 -12.58 -15.08 -8.94
C PHE A 573 -12.21 -16.55 -8.84
N GLU A 574 -11.44 -16.88 -7.80
CA GLU A 574 -10.94 -18.24 -7.61
C GLU A 574 -12.03 -19.24 -7.25
N ARG A 575 -12.92 -18.87 -6.33
CA ARG A 575 -13.99 -19.76 -5.89
C ARG A 575 -14.91 -20.12 -7.06
N LEU A 576 -15.34 -19.11 -7.81
CA LEU A 576 -16.19 -19.32 -8.97
C LEU A 576 -15.58 -20.31 -9.97
N ILE A 577 -14.26 -20.27 -10.09
CA ILE A 577 -13.54 -21.17 -10.98
C ILE A 577 -13.46 -22.58 -10.41
N SER A 578 -13.11 -22.69 -9.13
CA SER A 578 -13.03 -23.99 -8.48
C SER A 578 -14.41 -24.64 -8.40
N LEU A 579 -15.44 -23.87 -8.74
CA LEU A 579 -16.80 -24.38 -8.74
C LEU A 579 -17.26 -24.81 -10.14
N GLY A 580 -16.45 -24.52 -11.14
CA GLY A 580 -16.71 -25.01 -12.48
C GLY A 580 -17.03 -23.97 -13.54
N HIS A 581 -17.05 -22.71 -13.15
CA HIS A 581 -17.31 -21.64 -14.13
C HIS A 581 -16.12 -21.51 -15.05
N VAL A 582 -16.36 -21.65 -16.36
CA VAL A 582 -15.31 -21.62 -17.35
C VAL A 582 -14.94 -20.19 -17.72
N PRO A 583 -13.67 -19.81 -17.49
CA PRO A 583 -13.21 -18.45 -17.78
C PRO A 583 -12.68 -18.31 -19.20
N ILE A 584 -12.70 -17.09 -19.72
CA ILE A 584 -12.02 -16.77 -20.96
C ILE A 584 -10.55 -16.59 -20.67
N ARG A 585 -9.69 -17.31 -21.40
CA ARG A 585 -8.26 -17.27 -21.13
C ARG A 585 -7.48 -16.53 -22.22
N LEU A 586 -6.64 -15.59 -21.80
CA LEU A 586 -5.74 -14.92 -22.73
C LEU A 586 -4.30 -15.33 -22.43
N GLU A 587 -3.55 -15.69 -23.48
CA GLU A 587 -2.23 -16.26 -23.27
C GLU A 587 -1.13 -15.69 -24.19
N VAL A 588 -1.43 -14.61 -24.91
CA VAL A 588 -0.41 -13.97 -25.73
C VAL A 588 -0.01 -12.62 -25.16
N GLN A 589 1.26 -12.51 -24.80
CA GLN A 589 1.77 -11.36 -24.05
C GLN A 589 2.37 -10.28 -24.97
N TYR A 590 1.95 -9.03 -24.76
CA TYR A 590 2.33 -7.93 -25.65
C TYR A 590 3.15 -6.84 -24.97
N ARG A 591 3.49 -7.04 -23.71
CA ARG A 591 4.19 -6.01 -22.94
C ARG A 591 5.71 -6.00 -23.11
N MET A 592 6.35 -7.13 -22.84
CA MET A 592 7.80 -7.16 -22.64
C MET A 592 8.61 -7.94 -23.66
N ASN A 593 9.88 -7.56 -23.76
CA ASN A 593 10.89 -8.30 -24.51
C ASN A 593 10.85 -9.77 -24.13
N PRO A 594 10.87 -10.66 -25.14
CA PRO A 594 10.81 -12.11 -24.93
C PRO A 594 11.77 -12.64 -23.86
N TYR A 595 12.90 -11.97 -23.67
CA TYR A 595 13.86 -12.39 -22.65
C TYR A 595 13.32 -12.18 -21.24
N LEU A 596 12.48 -11.16 -21.07
CA LEU A 596 11.94 -10.82 -19.77
C LEU A 596 10.79 -11.74 -19.39
N SER A 597 10.13 -12.33 -20.38
CA SER A 597 8.97 -13.18 -20.12
C SER A 597 9.36 -14.64 -19.92
N GLU A 598 10.61 -14.98 -20.21
CA GLU A 598 11.05 -16.36 -20.16
C GLU A 598 10.90 -17.00 -18.77
N PHE A 599 11.59 -16.43 -17.77
CA PHE A 599 11.55 -16.99 -16.43
C PHE A 599 10.14 -17.06 -15.85
N PRO A 600 9.40 -15.95 -15.91
CA PRO A 600 8.02 -15.97 -15.40
C PRO A 600 7.16 -17.02 -16.10
N SER A 601 7.33 -17.17 -17.40
CA SER A 601 6.55 -18.13 -18.17
C SER A 601 6.82 -19.55 -17.71
N ASN A 602 8.11 -19.88 -17.55
CA ASN A 602 8.52 -21.22 -17.18
C ASN A 602 8.30 -21.53 -15.69
N MET A 603 8.37 -20.51 -14.86
CA MET A 603 8.27 -20.69 -13.42
C MET A 603 6.82 -20.74 -12.90
N PHE A 604 5.96 -19.91 -13.49
CA PHE A 604 4.62 -19.72 -12.93
C PHE A 604 3.48 -20.13 -13.86
N TYR A 605 3.77 -20.35 -15.14
CA TYR A 605 2.71 -20.63 -16.11
C TYR A 605 3.00 -21.85 -16.99
N GLU A 606 3.82 -22.77 -16.49
CA GLU A 606 4.09 -24.02 -17.19
C GLU A 606 4.51 -23.78 -18.64
N GLY A 607 5.15 -22.65 -18.89
CA GLY A 607 5.68 -22.34 -20.21
C GLY A 607 4.59 -22.06 -21.25
N SER A 608 3.37 -21.81 -20.77
CA SER A 608 2.23 -21.61 -21.66
C SER A 608 2.14 -20.18 -22.19
N LEU A 609 2.82 -19.25 -21.53
CA LEU A 609 2.76 -17.84 -21.91
C LEU A 609 3.53 -17.55 -23.20
N GLN A 610 2.78 -17.21 -24.25
CA GLN A 610 3.38 -16.92 -25.56
C GLN A 610 3.75 -15.45 -25.68
N ASN A 611 4.61 -15.13 -26.65
CA ASN A 611 4.99 -13.76 -26.92
C ASN A 611 4.29 -13.21 -28.16
N GLY A 612 3.64 -12.07 -28.02
CA GLY A 612 2.98 -11.42 -29.13
C GLY A 612 3.86 -10.36 -29.76
N VAL A 613 4.90 -9.97 -29.02
CA VAL A 613 5.88 -9.02 -29.52
C VAL A 613 7.25 -9.70 -29.65
N THR A 614 8.10 -9.17 -30.52
CA THR A 614 9.41 -9.77 -30.74
C THR A 614 10.54 -8.97 -30.10
N ILE A 615 11.72 -9.56 -30.11
CA ILE A 615 12.93 -8.91 -29.59
C ILE A 615 13.18 -7.59 -30.34
N GLU A 616 12.91 -7.60 -31.63
CA GLU A 616 13.10 -6.40 -32.46
C GLU A 616 12.10 -5.30 -32.09
N GLN A 617 10.90 -5.72 -31.70
CA GLN A 617 9.86 -4.77 -31.30
C GLN A 617 10.15 -4.18 -29.92
N ARG A 618 10.97 -4.89 -29.15
CA ARG A 618 11.27 -4.49 -27.78
C ARG A 618 12.75 -4.21 -27.58
N THR A 619 13.39 -3.59 -28.57
CA THR A 619 14.80 -3.26 -28.48
C THR A 619 15.03 -1.80 -28.88
N VAL A 620 16.07 -1.20 -28.30
CA VAL A 620 16.39 0.19 -28.61
C VAL A 620 17.69 0.27 -29.42
N PRO A 621 17.56 0.52 -30.73
CA PRO A 621 18.67 0.49 -31.70
C PRO A 621 19.90 1.28 -31.27
N ASN A 622 19.70 2.41 -30.60
CA ASN A 622 20.80 3.32 -30.29
C ASN A 622 21.22 3.37 -28.83
N SER A 623 20.87 2.34 -28.06
CA SER A 623 21.15 2.35 -26.63
C SER A 623 22.63 2.17 -26.31
N LYS A 624 23.08 2.81 -25.23
CA LYS A 624 24.46 2.67 -24.76
C LYS A 624 24.47 2.34 -23.28
N PHE A 625 23.31 1.94 -22.77
CA PHE A 625 23.20 1.51 -21.38
C PHE A 625 24.02 0.24 -21.20
N PRO A 626 24.81 0.18 -20.11
CA PRO A 626 25.77 -0.90 -19.91
C PRO A 626 25.15 -2.23 -19.50
N TRP A 627 24.22 -2.75 -20.29
CA TRP A 627 23.75 -4.12 -20.07
C TRP A 627 24.97 -5.03 -20.15
N PRO A 628 25.02 -6.07 -19.30
CA PRO A 628 26.14 -7.00 -19.36
C PRO A 628 26.23 -7.69 -20.72
N ILE A 629 25.11 -8.18 -21.22
CA ILE A 629 25.11 -8.97 -22.45
C ILE A 629 24.29 -8.31 -23.57
N ARG A 630 24.93 -8.12 -24.72
CA ARG A 630 24.26 -7.57 -25.90
C ARG A 630 23.03 -8.40 -26.28
N GLY A 631 21.92 -7.72 -26.51
CA GLY A 631 20.71 -8.40 -26.96
C GLY A 631 19.82 -8.88 -25.82
N ILE A 632 20.32 -8.77 -24.59
CA ILE A 632 19.56 -9.16 -23.41
C ILE A 632 19.45 -7.98 -22.45
N PRO A 633 18.28 -7.34 -22.39
CA PRO A 633 18.07 -6.12 -21.62
C PRO A 633 17.64 -6.39 -20.17
N MET A 634 18.43 -7.18 -19.45
CA MET A 634 18.16 -7.43 -18.04
C MET A 634 19.46 -7.74 -17.31
N MET A 635 19.47 -7.48 -16.00
CA MET A 635 20.63 -7.80 -15.19
C MET A 635 20.28 -7.82 -13.71
N PHE A 636 20.91 -8.74 -12.97
CA PHE A 636 20.81 -8.76 -11.53
C PHE A 636 22.10 -8.19 -10.95
N TRP A 637 22.03 -6.94 -10.51
CA TRP A 637 23.18 -6.28 -9.91
C TRP A 637 23.23 -6.57 -8.41
N ALA A 638 24.14 -7.48 -8.03
CA ALA A 638 24.28 -7.86 -6.63
C ALA A 638 24.81 -6.70 -5.79
N ASN A 639 24.07 -6.39 -4.73
CA ASN A 639 24.48 -5.37 -3.77
C ASN A 639 24.66 -6.02 -2.41
N TYR A 640 25.73 -5.65 -1.71
CA TYR A 640 26.06 -6.31 -0.45
C TYR A 640 25.83 -5.42 0.76
N GLY A 641 24.81 -4.59 0.69
CA GLY A 641 24.44 -3.75 1.81
C GLY A 641 23.65 -4.56 2.83
N ARG A 642 23.26 -3.90 3.92
CA ARG A 642 22.41 -4.53 4.92
C ARG A 642 21.12 -3.74 5.06
N GLU A 643 20.04 -4.44 5.40
CA GLU A 643 18.75 -3.80 5.57
C GLU A 643 18.74 -2.96 6.85
N GLU A 644 17.85 -1.98 6.90
CA GLU A 644 17.63 -1.19 8.09
C GLU A 644 16.13 -1.04 8.34
N ILE A 645 15.74 -0.91 9.60
CA ILE A 645 14.35 -0.69 9.95
C ILE A 645 13.96 0.74 9.60
N SER A 646 12.76 0.91 9.07
CA SER A 646 12.32 2.23 8.63
C SER A 646 11.80 3.08 9.77
N ALA A 647 11.34 4.30 9.44
CA ALA A 647 10.96 5.28 10.45
C ALA A 647 9.79 4.86 11.33
N ASN A 648 8.80 4.19 10.74
CA ASN A 648 7.64 3.73 11.49
C ASN A 648 7.90 2.42 12.22
N GLY A 649 9.16 1.97 12.15
CA GLY A 649 9.60 0.81 12.90
C GLY A 649 9.13 -0.53 12.36
N THR A 650 8.26 -0.50 11.37
CA THR A 650 7.63 -1.73 10.88
C THR A 650 8.03 -2.15 9.46
N SER A 651 8.81 -1.31 8.79
CA SER A 651 9.22 -1.62 7.42
C SER A 651 10.74 -1.69 7.26
N PHE A 652 11.19 -1.81 6.01
CA PHE A 652 12.62 -1.90 5.75
C PHE A 652 13.09 -0.93 4.66
N LEU A 653 14.37 -0.61 4.71
CA LEU A 653 15.03 0.13 3.64
C LEU A 653 16.46 -0.37 3.49
N ASN A 654 17.08 -0.05 2.37
CA ASN A 654 18.46 -0.46 2.09
C ASN A 654 19.22 0.66 1.40
N ARG A 655 20.11 1.30 2.12
CA ARG A 655 20.77 2.51 1.62
C ARG A 655 21.65 2.27 0.39
N ILE A 656 22.38 1.15 0.37
CA ILE A 656 23.22 0.85 -0.77
C ILE A 656 22.39 0.58 -2.03
N GLU A 657 21.29 -0.14 -1.86
CA GLU A 657 20.40 -0.41 -2.99
C GLU A 657 19.76 0.88 -3.49
N ALA A 658 19.38 1.75 -2.55
CA ALA A 658 18.81 3.05 -2.90
C ALA A 658 19.82 3.89 -3.66
N MET A 659 21.07 3.87 -3.20
CA MET A 659 22.14 4.64 -3.83
C MET A 659 22.36 4.20 -5.28
N ASN A 660 22.53 2.90 -5.49
CA ASN A 660 22.75 2.36 -6.83
C ASN A 660 21.53 2.56 -7.73
N CYS A 661 20.37 2.72 -7.12
CA CYS A 661 19.15 2.98 -7.86
C CYS A 661 19.24 4.34 -8.53
N GLU A 662 19.80 5.30 -7.81
CA GLU A 662 19.97 6.64 -8.35
C GLU A 662 20.98 6.61 -9.49
N ARG A 663 21.97 5.74 -9.37
CA ARG A 663 23.00 5.61 -10.40
C ARG A 663 22.46 4.98 -11.67
N ILE A 664 21.59 3.98 -11.52
CA ILE A 664 20.92 3.38 -12.66
C ILE A 664 20.10 4.42 -13.41
N ILE A 665 19.25 5.14 -12.68
CA ILE A 665 18.41 6.16 -13.28
C ILE A 665 19.22 7.23 -13.99
N THR A 666 20.21 7.78 -13.29
CA THR A 666 21.08 8.79 -13.88
C THR A 666 21.72 8.26 -15.15
N LYS A 667 22.13 6.99 -15.12
CA LYS A 667 22.73 6.36 -16.28
C LYS A 667 21.73 6.32 -17.43
N LEU A 668 20.49 5.97 -17.11
CA LEU A 668 19.41 5.95 -18.09
C LEU A 668 19.15 7.35 -18.64
N PHE A 669 19.18 8.33 -17.75
CA PHE A 669 19.05 9.74 -18.16
C PHE A 669 20.12 10.07 -19.19
N ARG A 670 21.35 9.69 -18.90
CA ARG A 670 22.47 9.94 -19.81
C ARG A 670 22.25 9.25 -21.15
N ASP A 671 21.54 8.13 -21.12
CA ASP A 671 21.28 7.36 -22.34
C ASP A 671 20.07 7.93 -23.08
N GLY A 672 19.53 9.02 -22.56
CA GLY A 672 18.44 9.72 -23.22
C GLY A 672 17.07 9.19 -22.85
N VAL A 673 17.02 8.25 -21.91
CA VAL A 673 15.74 7.72 -21.44
C VAL A 673 15.05 8.74 -20.55
N LYS A 674 13.77 8.96 -20.80
CA LYS A 674 13.01 10.00 -20.11
C LYS A 674 12.39 9.51 -18.80
N PRO A 675 12.19 10.44 -17.84
CA PRO A 675 11.64 10.14 -16.51
C PRO A 675 10.36 9.32 -16.57
N GLU A 676 9.49 9.62 -17.53
CA GLU A 676 8.20 8.94 -17.65
C GLU A 676 8.38 7.50 -18.14
N GLN A 677 9.57 7.19 -18.63
CA GLN A 677 9.86 5.86 -19.14
C GLN A 677 10.46 4.96 -18.06
N ILE A 678 10.72 5.53 -16.90
CA ILE A 678 11.36 4.79 -15.82
C ILE A 678 10.42 4.59 -14.64
N GLY A 679 10.42 3.37 -14.11
CA GLY A 679 9.68 3.06 -12.91
C GLY A 679 10.55 2.34 -11.92
N VAL A 680 10.45 2.71 -10.65
CA VAL A 680 11.16 2.01 -9.59
C VAL A 680 10.16 1.33 -8.69
N ILE A 681 10.27 0.01 -8.57
CA ILE A 681 9.37 -0.75 -7.70
C ILE A 681 10.17 -1.45 -6.61
N THR A 682 9.57 -1.52 -5.43
CA THR A 682 10.20 -2.16 -4.27
C THR A 682 9.11 -2.76 -3.39
N PRO A 683 9.41 -3.90 -2.74
CA PRO A 683 8.41 -4.57 -1.90
C PRO A 683 8.03 -3.75 -0.66
N TYR A 684 8.90 -2.85 -0.23
CA TYR A 684 8.71 -2.19 1.06
C TYR A 684 8.45 -0.68 0.99
N GLU A 685 7.41 -0.24 1.69
CA GLU A 685 7.05 1.18 1.75
C GLU A 685 8.19 2.00 2.34
N GLY A 686 8.99 1.37 3.20
CA GLY A 686 10.12 2.05 3.81
C GLY A 686 11.16 2.39 2.76
N GLN A 687 11.42 1.43 1.88
CA GLN A 687 12.37 1.63 0.80
C GLN A 687 11.83 2.62 -0.22
N ARG A 688 10.52 2.58 -0.46
CA ARG A 688 9.89 3.49 -1.41
C ARG A 688 10.09 4.93 -0.97
N ALA A 689 9.75 5.20 0.29
CA ALA A 689 9.88 6.53 0.86
C ALA A 689 11.32 7.01 0.80
N TYR A 690 12.25 6.13 1.16
CA TYR A 690 13.67 6.51 1.23
C TYR A 690 14.26 6.80 -0.14
N ILE A 691 14.07 5.89 -1.08
CA ILE A 691 14.55 6.09 -2.45
C ILE A 691 14.10 7.44 -3.01
N LEU A 692 12.84 7.78 -2.75
CA LEU A 692 12.26 9.03 -3.22
C LEU A 692 12.95 10.24 -2.61
N GLN A 693 13.05 10.24 -1.29
CA GLN A 693 13.67 11.35 -0.57
C GLN A 693 15.14 11.47 -0.93
N TYR A 694 15.81 10.34 -1.06
CA TYR A 694 17.25 10.31 -1.31
C TYR A 694 17.63 10.94 -2.65
N MET A 695 16.83 10.68 -3.68
CA MET A 695 17.10 11.24 -5.00
C MET A 695 16.83 12.73 -5.03
N GLN A 696 15.91 13.18 -4.18
CA GLN A 696 15.60 14.60 -4.07
C GLN A 696 16.76 15.37 -3.45
N MET A 697 17.67 14.64 -2.81
CA MET A 697 18.83 15.25 -2.17
C MET A 697 20.12 14.98 -2.94
N ASN A 698 20.20 13.81 -3.57
CA ASN A 698 21.45 13.37 -4.19
C ASN A 698 21.38 13.15 -5.70
N GLY A 699 20.23 13.40 -6.30
CA GLY A 699 20.09 13.30 -7.73
C GLY A 699 21.19 14.08 -8.43
N SER A 700 21.94 13.40 -9.29
CA SER A 700 23.06 14.03 -9.97
C SER A 700 22.59 15.19 -10.84
N LEU A 701 21.54 14.94 -11.61
CA LEU A 701 20.99 15.94 -12.51
C LEU A 701 19.86 16.72 -11.83
N ASP A 702 19.15 17.52 -12.63
CA ASP A 702 18.08 18.36 -12.11
C ASP A 702 17.09 17.55 -11.24
N LYS A 703 16.91 18.00 -10.01
CA LYS A 703 16.02 17.31 -9.07
C LYS A 703 14.62 17.11 -9.63
N ASP A 704 14.20 18.00 -10.52
CA ASP A 704 12.86 17.96 -11.09
C ASP A 704 12.66 16.72 -11.95
N LEU A 705 13.76 16.22 -12.50
CA LEU A 705 13.73 15.02 -13.33
C LEU A 705 13.39 13.79 -12.50
N TYR A 706 13.95 13.74 -11.29
CA TYR A 706 13.85 12.55 -10.46
C TYR A 706 12.49 12.35 -9.79
N ILE A 707 11.78 13.44 -9.50
CA ILE A 707 10.44 13.32 -8.93
C ILE A 707 9.43 12.76 -9.94
N LYS A 708 9.72 12.95 -11.22
CA LYS A 708 8.83 12.44 -12.27
C LYS A 708 9.07 10.97 -12.57
N VAL A 709 10.07 10.40 -11.92
CA VAL A 709 10.29 8.96 -11.96
C VAL A 709 9.42 8.30 -10.90
N GLU A 710 8.52 7.43 -11.36
CA GLU A 710 7.59 6.77 -10.46
C GLU A 710 8.27 5.76 -9.55
N VAL A 711 8.01 5.88 -8.26
CA VAL A 711 8.50 4.92 -7.28
C VAL A 711 7.31 4.34 -6.54
N ALA A 712 7.16 3.02 -6.61
CA ALA A 712 6.02 2.36 -5.99
C ALA A 712 6.38 1.03 -5.34
N SER A 713 5.42 0.48 -4.60
CA SER A 713 5.58 -0.85 -4.05
C SER A 713 5.18 -1.87 -5.10
N VAL A 714 5.75 -3.07 -5.03
CA VAL A 714 5.39 -4.12 -5.98
C VAL A 714 3.88 -4.32 -5.98
N ASP A 715 3.33 -4.52 -4.78
CA ASP A 715 1.89 -4.70 -4.63
C ASP A 715 1.11 -3.60 -5.31
N ALA A 716 1.49 -2.36 -5.02
CA ALA A 716 0.78 -1.21 -5.57
C ALA A 716 0.89 -1.14 -7.09
N PHE A 717 1.96 -1.70 -7.65
CA PHE A 717 2.23 -1.51 -9.07
C PHE A 717 1.67 -2.60 -9.98
N GLN A 718 0.97 -3.57 -9.42
CA GLN A 718 0.36 -4.61 -10.25
C GLN A 718 -0.68 -4.01 -11.18
N GLY A 719 -0.60 -4.35 -12.46
CA GLY A 719 -1.51 -3.80 -13.44
C GLY A 719 -0.89 -2.64 -14.20
N ARG A 720 0.25 -2.18 -13.71
CA ARG A 720 0.96 -1.07 -14.36
C ARG A 720 2.22 -1.55 -15.09
N GLU A 721 2.77 -0.70 -15.95
CA GLU A 721 3.96 -1.05 -16.72
C GLU A 721 4.82 0.17 -17.01
N LYS A 722 6.10 -0.08 -17.25
CA LYS A 722 7.06 0.97 -17.60
C LYS A 722 8.03 0.41 -18.62
N ASP A 723 8.59 1.30 -19.45
CA ASP A 723 9.60 0.87 -20.41
C ASP A 723 10.77 0.24 -19.66
N TYR A 724 11.23 0.92 -18.62
CA TYR A 724 12.34 0.42 -17.81
C TYR A 724 11.96 0.30 -16.35
N ILE A 725 12.31 -0.83 -15.75
CA ILE A 725 12.00 -1.08 -14.35
C ILE A 725 13.24 -1.37 -13.52
N ILE A 726 13.33 -0.72 -12.36
CA ILE A 726 14.35 -1.01 -11.38
C ILE A 726 13.70 -1.68 -10.18
N LEU A 727 14.13 -2.91 -9.88
CA LEU A 727 13.56 -3.67 -8.77
C LEU A 727 14.51 -3.75 -7.59
N SER A 728 14.18 -3.03 -6.52
CA SER A 728 14.99 -3.04 -5.31
C SER A 728 14.45 -4.05 -4.31
N CYS A 729 15.23 -5.09 -4.00
CA CYS A 729 14.77 -6.19 -3.18
C CYS A 729 14.90 -5.94 -1.68
N VAL A 730 15.82 -5.07 -1.31
CA VAL A 730 15.92 -4.55 0.07
C VAL A 730 16.51 -5.51 1.10
N ARG A 731 15.96 -6.71 1.18
CA ARG A 731 16.29 -7.65 2.25
C ARG A 731 17.75 -8.11 2.24
N ALA A 732 18.45 -7.90 3.35
CA ALA A 732 19.82 -8.35 3.51
C ALA A 732 20.21 -8.37 4.98
N ASN A 733 20.28 -9.56 5.56
CA ASN A 733 20.60 -9.71 6.97
C ASN A 733 21.36 -11.01 7.28
N GLU A 734 21.92 -11.10 8.48
CA GLU A 734 22.72 -12.24 8.88
C GLU A 734 21.93 -13.55 8.93
N GLN A 735 20.62 -13.43 9.18
CA GLN A 735 19.76 -14.61 9.31
C GLN A 735 19.18 -15.05 7.98
N GLN A 736 19.52 -14.32 6.91
CA GLN A 736 19.03 -14.65 5.58
C GLN A 736 17.51 -14.76 5.52
N ALA A 737 16.84 -13.96 6.35
CA ALA A 737 15.39 -13.90 6.34
C ALA A 737 14.93 -12.89 5.30
N ILE A 738 13.88 -13.22 4.55
CA ILE A 738 13.42 -12.34 3.49
C ILE A 738 11.93 -12.01 3.54
N GLY A 739 11.26 -12.39 4.63
CA GLY A 739 9.88 -12.04 4.84
C GLY A 739 8.93 -12.44 3.72
N PHE A 740 8.03 -11.54 3.34
CA PHE A 740 7.01 -11.89 2.36
C PHE A 740 7.54 -11.93 0.92
N LEU A 741 8.85 -11.83 0.78
CA LEU A 741 9.49 -12.05 -0.51
C LEU A 741 9.44 -13.53 -0.87
N ARG A 742 9.01 -14.34 0.10
CA ARG A 742 8.86 -15.78 -0.11
C ARG A 742 7.71 -16.08 -1.05
N ASP A 743 6.79 -15.12 -1.18
CA ASP A 743 5.60 -15.31 -2.00
C ASP A 743 5.91 -15.28 -3.49
N PRO A 744 5.78 -16.43 -4.17
CA PRO A 744 6.08 -16.53 -5.60
C PRO A 744 5.32 -15.49 -6.43
N ARG A 745 4.16 -15.09 -5.93
CA ARG A 745 3.29 -14.19 -6.66
C ARG A 745 3.78 -12.75 -6.61
N ARG A 746 4.56 -12.43 -5.58
CA ARG A 746 5.14 -11.10 -5.45
C ARG A 746 6.33 -10.95 -6.39
N LEU A 747 7.12 -12.00 -6.52
CA LEU A 747 8.23 -12.01 -7.47
C LEU A 747 7.71 -11.97 -8.90
N ASN A 748 6.66 -12.75 -9.17
CA ASN A 748 6.06 -12.80 -10.48
C ASN A 748 5.69 -11.41 -10.96
N VAL A 749 4.96 -10.68 -10.12
CA VAL A 749 4.58 -9.31 -10.45
C VAL A 749 5.79 -8.41 -10.63
N GLY A 750 6.80 -8.60 -9.79
CA GLY A 750 8.00 -7.79 -9.82
C GLY A 750 8.79 -7.94 -11.11
N LEU A 751 8.65 -9.09 -11.76
CA LEU A 751 9.42 -9.39 -12.96
C LEU A 751 8.67 -9.02 -14.25
N THR A 752 7.40 -8.68 -14.12
CA THR A 752 6.55 -8.53 -15.30
C THR A 752 6.00 -7.12 -15.52
N ARG A 753 6.74 -6.12 -15.05
CA ARG A 753 6.30 -4.73 -15.20
C ARG A 753 7.01 -4.03 -16.35
N ALA A 754 8.17 -4.56 -16.75
CA ALA A 754 9.02 -3.89 -17.73
C ALA A 754 8.70 -4.29 -19.16
N LYS A 755 8.87 -3.34 -20.07
CA LYS A 755 8.68 -3.59 -21.50
C LYS A 755 10.02 -3.76 -22.20
N TYR A 756 10.94 -2.86 -21.92
CA TYR A 756 12.23 -2.82 -22.63
C TYR A 756 13.43 -3.29 -21.82
N GLY A 757 13.41 -3.03 -20.50
CA GLY A 757 14.55 -3.37 -19.67
C GLY A 757 14.24 -3.53 -18.20
N LEU A 758 14.98 -4.43 -17.56
CA LEU A 758 14.80 -4.70 -16.13
C LEU A 758 16.13 -4.81 -15.40
N VAL A 759 16.30 -3.99 -14.37
CA VAL A 759 17.44 -4.12 -13.48
C VAL A 759 16.97 -4.55 -12.11
N ILE A 760 17.56 -5.62 -11.59
CA ILE A 760 17.23 -6.07 -10.25
C ILE A 760 18.40 -5.81 -9.30
N LEU A 761 18.13 -5.06 -8.25
CA LEU A 761 19.11 -4.82 -7.21
C LEU A 761 18.79 -5.72 -6.01
N GLY A 762 19.76 -6.51 -5.59
CA GLY A 762 19.55 -7.41 -4.46
C GLY A 762 20.81 -8.04 -3.90
N ASN A 763 20.69 -8.61 -2.70
CA ASN A 763 21.79 -9.28 -2.05
C ASN A 763 21.64 -10.80 -2.13
N PRO A 764 22.43 -11.45 -2.98
CA PRO A 764 22.37 -12.89 -3.24
C PRO A 764 22.61 -13.70 -1.98
N ARG A 765 23.50 -13.20 -1.11
CA ARG A 765 23.84 -13.90 0.12
C ARG A 765 22.62 -14.34 0.93
N SER A 766 21.58 -13.50 0.94
CA SER A 766 20.38 -13.81 1.71
C SER A 766 19.22 -14.33 0.86
N LEU A 767 19.12 -13.85 -0.38
CA LEU A 767 18.05 -14.28 -1.28
C LEU A 767 18.21 -15.74 -1.69
N ALA A 768 19.46 -16.18 -1.77
CA ALA A 768 19.79 -17.50 -2.29
C ALA A 768 19.31 -18.65 -1.41
N ARG A 769 19.08 -18.38 -0.12
CA ARG A 769 18.60 -19.41 0.78
C ARG A 769 17.20 -19.87 0.37
N ASN A 770 16.45 -18.95 -0.24
CA ASN A 770 15.12 -19.26 -0.73
C ASN A 770 15.20 -19.98 -2.07
N THR A 771 14.44 -21.07 -2.20
CA THR A 771 14.50 -21.90 -3.39
C THR A 771 14.13 -21.14 -4.66
N LEU A 772 13.01 -20.43 -4.63
CA LEU A 772 12.54 -19.68 -5.80
C LEU A 772 13.57 -18.66 -6.26
N TRP A 773 13.98 -17.79 -5.35
CA TRP A 773 14.96 -16.75 -5.67
C TRP A 773 16.28 -17.35 -6.17
N ASN A 774 16.63 -18.52 -5.65
CA ASN A 774 17.83 -19.21 -6.09
C ASN A 774 17.73 -19.58 -7.57
N HIS A 775 16.55 -20.05 -7.97
CA HIS A 775 16.29 -20.38 -9.37
C HIS A 775 16.47 -19.14 -10.24
N LEU A 776 16.07 -17.99 -9.71
CA LEU A 776 16.18 -16.73 -10.45
C LEU A 776 17.64 -16.35 -10.68
N LEU A 777 18.41 -16.33 -9.60
CA LEU A 777 19.84 -16.02 -9.67
C LEU A 777 20.53 -16.92 -10.68
N ILE A 778 20.24 -18.22 -10.59
CA ILE A 778 20.83 -19.19 -11.51
C ILE A 778 20.44 -18.90 -12.96
N HIS A 779 19.18 -18.52 -13.16
CA HIS A 779 18.69 -18.19 -14.50
C HIS A 779 19.47 -17.00 -15.08
N PHE A 780 19.76 -16.03 -14.23
CA PHE A 780 20.53 -14.86 -14.63
C PHE A 780 22.00 -15.21 -14.85
N ARG A 781 22.52 -16.10 -14.02
CA ARG A 781 23.91 -16.55 -14.15
C ARG A 781 24.13 -17.27 -15.48
N GLU A 782 23.15 -18.07 -15.87
CA GLU A 782 23.21 -18.83 -17.11
C GLU A 782 23.21 -17.92 -18.33
N LYS A 783 22.68 -16.71 -18.16
CA LYS A 783 22.60 -15.76 -19.27
C LYS A 783 23.82 -14.84 -19.29
N GLY A 784 24.59 -14.87 -18.20
CA GLY A 784 25.74 -14.01 -18.06
C GLY A 784 25.34 -12.65 -17.50
N CYS A 785 24.16 -12.61 -16.88
CA CYS A 785 23.57 -11.36 -16.45
C CYS A 785 23.60 -11.13 -14.93
N LEU A 786 24.26 -12.02 -14.20
CA LEU A 786 24.38 -11.84 -12.76
C LEU A 786 25.72 -11.18 -12.40
N VAL A 787 25.67 -9.90 -12.04
CA VAL A 787 26.88 -9.12 -11.90
C VAL A 787 27.03 -8.40 -10.56
N GLU A 788 28.20 -7.80 -10.36
CA GLU A 788 28.50 -7.08 -9.14
C GLU A 788 29.57 -6.01 -9.41
N GLY A 789 29.80 -5.14 -8.43
CA GLY A 789 30.80 -4.09 -8.57
C GLY A 789 30.17 -2.74 -8.83
N THR A 790 30.89 -1.88 -9.56
CA THR A 790 30.38 -0.56 -9.88
C THR A 790 29.73 -0.54 -11.27
N LEU A 791 28.67 0.25 -11.41
CA LEU A 791 27.90 0.33 -12.65
C LEU A 791 28.75 0.49 -13.92
N ASP A 792 29.79 1.33 -13.86
CA ASP A 792 30.63 1.59 -15.02
C ASP A 792 31.65 0.49 -15.33
N ASN A 793 31.79 -0.46 -14.39
CA ASN A 793 32.74 -1.56 -14.53
C ASN A 793 32.22 -2.84 -13.87
N LEU A 794 31.07 -3.31 -14.37
CA LEU A 794 30.42 -4.48 -13.78
C LEU A 794 31.15 -5.80 -14.04
N GLN A 795 31.18 -6.66 -13.04
CA GLN A 795 31.87 -7.94 -13.12
C GLN A 795 30.91 -9.07 -12.79
N LEU A 796 31.26 -10.30 -13.17
CA LEU A 796 30.46 -11.45 -12.81
C LEU A 796 30.36 -11.55 -11.29
N CYS A 797 29.16 -11.82 -10.78
CA CYS A 797 28.98 -12.00 -9.34
C CYS A 797 29.78 -13.19 -8.87
N THR A 798 30.30 -13.13 -7.66
CA THR A 798 31.16 -14.19 -7.14
C THR A 798 30.49 -15.06 -6.08
N VAL A 799 29.26 -14.73 -5.71
CA VAL A 799 28.52 -15.54 -4.75
C VAL A 799 28.40 -16.97 -5.31
N GLN A 800 28.62 -17.95 -4.46
CA GLN A 800 28.54 -19.35 -4.88
C GLN A 800 27.11 -19.87 -4.83
N LEU A 801 26.54 -20.14 -6.01
CA LEU A 801 25.19 -20.67 -6.10
C LEU A 801 25.23 -22.18 -6.32
N VAL A 802 24.48 -22.92 -5.51
CA VAL A 802 24.41 -24.37 -5.63
C VAL A 802 23.07 -24.80 -6.22
#